data_9LB6
#
_entry.id   9LB6
#
_cell.length_a   179.541
_cell.length_b   61.695
_cell.length_c   77.048
_cell.angle_alpha   90.000
_cell.angle_beta   105.820
_cell.angle_gamma   90.000
#
_symmetry.space_group_name_H-M   'C 1 2 1'
#
loop_
_entity.id
_entity.type
_entity.pdbx_description
1 polymer 'Trehalose-6-phosphate hydrolase'
2 non-polymer 'TETRAETHYLENE GLYCOL'
3 water water
#
_entity_poly.entity_id   1
_entity_poly.type   'polypeptide(L)'
_entity_poly.pdbx_seq_one_letter_code
;AWRLMYNGLETEKRAYGQESLLTLGNGYVGWRGASVFQSFDEHNYPGLYVAGVFNQTRTEVANKDVVNEDMVNLPNPQLF
KLTLDDQPVVINHDTITHREAGVDFQNGLFTEELTVAVPQGQLTLRTVKAVDPKQYHMLGIQLAITADFSAQLQVESIID
GTLLNQNVARYRAFDSREFNVTEIAGDILTAKTRSTDIDIVVGAETTSDVMTFQNVEGPADMQVSTGEVTLQTNQTVQID
KLIAIGTSYELSEPLVFVQAALATHSVDKVIESSTAYWQEVWETADIQLDSDDPDMQLMIRMNIFHIRQAAQHEANKDLD
ASVGSRGLTGEGYRGHIFWDEIFVVPYYAANDPETARDILRYRIKRIDAAKKNAILDGEAGAMFPWQSGMYGDEQSQFIH
LNTVNNEWEPDNSRLQRHVSLTIAYNIWVYTQITGDTSLLREGGLELLLETTKFWLNKAEEDADGRYHIAGVMGPDEYHE
AYPGTEAGGIKDNAYTNLMLTWSLNWLLELAETQTEMFESVAHETDFGSDWLNLAKNVSKGLALEISPEGIIAQYAGYFD
LEAVDFAAYEAKYGDIHRIDRLLKAEGLSPDDYQVAKQADTLMTIYNLGNRHMAKLVAQLGYDLPENWLALNKDYYLART
VHGSTTSRPVFAGIDVTLNNMDEALDYLTTAIGSDYYDIQGGTTAEGVHIGVMGETLEVIQNEFGGVMLRDGLVSIAPNL
PTSWHRLAFTQKYRGTMLTFEMTPEAVTVMADAPLDVEVYGQPVSLAANTAQTFTKG
;
_entity_poly.pdbx_strand_id   A
#
loop_
_chem_comp.id
_chem_comp.type
_chem_comp.name
_chem_comp.formula
PG4 non-polymer 'TETRAETHYLENE GLYCOL' 'C8 H18 O5'
#
# COMPACT_ATOMS: atom_id res chain seq x y z
N ALA A 1 -21.08 4.51 -10.20
CA ALA A 1 -20.25 5.70 -10.15
C ALA A 1 -19.56 5.85 -8.81
N TRP A 2 -20.34 5.66 -7.73
CA TRP A 2 -19.90 5.91 -6.37
C TRP A 2 -19.94 4.70 -5.47
N ARG A 3 -20.54 3.60 -5.90
CA ARG A 3 -20.73 2.45 -5.03
C ARG A 3 -20.10 1.22 -5.64
N LEU A 4 -19.29 0.53 -4.86
CA LEU A 4 -18.78 -0.79 -5.20
C LEU A 4 -19.76 -1.82 -4.68
N MET A 5 -20.45 -2.52 -5.59
CA MET A 5 -21.53 -3.47 -5.27
C MET A 5 -21.24 -4.86 -5.80
N TYR A 6 -21.58 -5.87 -5.00
CA TYR A 6 -21.52 -7.27 -5.41
C TYR A 6 -22.88 -7.91 -5.18
N ASN A 7 -23.32 -8.72 -6.14
CA ASN A 7 -24.57 -9.46 -6.06
C ASN A 7 -24.29 -10.95 -6.18
N GLY A 8 -24.94 -11.74 -5.31
CA GLY A 8 -24.76 -13.18 -5.32
C GLY A 8 -23.58 -13.63 -4.50
N LEU A 9 -23.64 -14.88 -4.08
CA LEU A 9 -22.57 -15.47 -3.29
C LEU A 9 -21.35 -15.77 -4.16
N GLU A 10 -20.18 -15.64 -3.56
CA GLU A 10 -18.92 -16.06 -4.14
C GLU A 10 -18.28 -17.08 -3.21
N THR A 11 -17.28 -17.80 -3.72
CA THR A 11 -16.65 -18.85 -2.95
C THR A 11 -15.14 -18.68 -2.91
N GLU A 12 -14.56 -19.26 -1.86
CA GLU A 12 -13.10 -19.43 -1.66
C GLU A 12 -12.40 -18.10 -1.92
N LYS A 13 -11.29 -18.08 -2.68
CA LYS A 13 -10.49 -16.86 -2.75
C LYS A 13 -11.21 -15.72 -3.48
N ARG A 14 -12.20 -16.03 -4.31
CA ARG A 14 -13.01 -14.97 -4.91
C ARG A 14 -13.83 -14.24 -3.85
N ALA A 15 -14.38 -14.99 -2.90
CA ALA A 15 -15.09 -14.37 -1.79
C ALA A 15 -14.15 -13.57 -0.90
N TYR A 16 -12.98 -14.13 -0.58
CA TYR A 16 -11.97 -13.40 0.19
C TYR A 16 -11.60 -12.10 -0.50
N GLY A 17 -11.51 -12.13 -1.83
CA GLY A 17 -11.09 -10.94 -2.57
C GLY A 17 -12.10 -9.82 -2.49
N GLN A 18 -13.39 -10.17 -2.50
CA GLN A 18 -14.43 -9.16 -2.32
C GLN A 18 -14.35 -8.55 -0.92
N GLU A 19 -14.16 -9.40 0.10
CA GLU A 19 -13.99 -8.89 1.45
C GLU A 19 -12.86 -7.87 1.53
N SER A 20 -11.76 -8.14 0.83
CA SER A 20 -10.64 -7.20 0.83
C SER A 20 -11.05 -5.85 0.27
N LEU A 21 -11.70 -5.85 -0.89
CA LEU A 21 -12.11 -4.59 -1.52
C LEU A 21 -13.22 -3.90 -0.75
N LEU A 22 -13.98 -4.63 0.07
CA LEU A 22 -15.02 -4.03 0.90
C LEU A 22 -14.52 -3.64 2.28
N THR A 23 -13.22 -3.65 2.49
CA THR A 23 -12.65 -3.25 3.77
C THR A 23 -12.93 -1.78 4.04
N LEU A 24 -13.25 -1.46 5.29
CA LEU A 24 -13.30 -0.09 5.78
C LEU A 24 -12.09 0.19 6.67
N GLY A 25 -11.65 1.44 6.66
CA GLY A 25 -10.52 1.82 7.49
C GLY A 25 -10.41 3.32 7.64
N ASN A 26 -9.59 3.74 8.60
CA ASN A 26 -9.46 5.16 8.93
C ASN A 26 -8.04 5.53 9.33
N GLY A 27 -7.03 4.78 8.83
CA GLY A 27 -5.66 5.04 9.22
C GLY A 27 -5.26 4.29 10.49
N TYR A 28 -6.19 4.14 11.43
CA TYR A 28 -5.91 3.41 12.66
C TYR A 28 -6.29 1.93 12.56
N VAL A 29 -7.46 1.63 11.99
CA VAL A 29 -7.88 0.25 11.79
C VAL A 29 -8.10 0.01 10.29
N GLY A 30 -8.03 -1.26 9.95
CA GLY A 30 -8.61 -1.76 8.72
C GLY A 30 -9.48 -2.93 9.08
N TRP A 31 -10.67 -3.00 8.47
CA TRP A 31 -11.72 -3.89 8.94
C TRP A 31 -12.34 -4.55 7.71
N ARG A 32 -12.02 -5.83 7.50
CA ARG A 32 -12.40 -6.54 6.28
C ARG A 32 -13.90 -6.59 6.13
N GLY A 33 -14.36 -6.60 4.88
CA GLY A 33 -15.77 -6.61 4.58
C GLY A 33 -16.40 -7.99 4.65
N ALA A 34 -16.04 -8.76 5.67
CA ALA A 34 -16.64 -10.07 5.92
C ALA A 34 -18.02 -9.90 6.54
N SER A 35 -18.88 -10.88 6.27
CA SER A 35 -20.22 -10.89 6.87
C SER A 35 -20.11 -11.04 8.38
N VAL A 36 -20.96 -10.30 9.10
CA VAL A 36 -20.90 -10.36 10.57
C VAL A 36 -21.34 -11.71 11.11
N PHE A 37 -22.01 -12.54 10.29
CA PHE A 37 -22.53 -13.82 10.78
C PHE A 37 -21.55 -14.96 10.63
N GLN A 38 -20.36 -14.72 10.08
CA GLN A 38 -19.44 -15.78 9.75
C GLN A 38 -18.13 -15.66 10.52
N SER A 39 -17.48 -16.79 10.69
CA SER A 39 -16.11 -16.89 11.16
C SER A 39 -15.23 -17.39 10.02
N PHE A 40 -13.93 -17.46 10.25
CA PHE A 40 -13.01 -17.94 9.24
C PHE A 40 -13.42 -19.33 8.77
N ASP A 41 -13.71 -19.46 7.48
CA ASP A 41 -13.83 -20.77 6.83
C ASP A 41 -13.44 -20.59 5.36
N GLU A 42 -13.84 -21.55 4.52
CA GLU A 42 -13.40 -21.51 3.13
C GLU A 42 -13.94 -20.33 2.35
N HIS A 43 -15.05 -19.71 2.78
CA HIS A 43 -15.65 -18.62 2.03
C HIS A 43 -15.66 -17.29 2.78
N ASN A 44 -15.16 -17.23 4.01
CA ASN A 44 -15.25 -16.04 4.86
C ASN A 44 -13.97 -15.85 5.62
N TYR A 45 -13.55 -14.59 5.79
CA TYR A 45 -12.40 -14.30 6.64
C TYR A 45 -12.55 -12.93 7.30
N PRO A 46 -13.13 -12.89 8.49
CA PRO A 46 -13.11 -11.64 9.27
C PRO A 46 -11.69 -11.25 9.60
N GLY A 47 -11.41 -9.96 9.50
CA GLY A 47 -10.10 -9.42 9.79
C GLY A 47 -10.21 -8.00 10.32
N LEU A 48 -9.48 -7.72 11.38
CA LEU A 48 -9.42 -6.40 12.00
C LEU A 48 -7.97 -6.15 12.34
N TYR A 49 -7.38 -5.10 11.77
CA TYR A 49 -5.96 -4.81 11.95
C TYR A 49 -5.77 -3.39 12.45
N VAL A 50 -4.76 -3.19 13.30
CA VAL A 50 -4.45 -1.88 13.86
C VAL A 50 -3.06 -1.49 13.38
N ALA A 51 -2.92 -0.26 12.90
CA ALA A 51 -1.63 0.29 12.47
C ALA A 51 -0.52 0.02 13.47
N GLY A 52 0.56 -0.60 12.98
CA GLY A 52 1.76 -0.79 13.77
C GLY A 52 1.71 -1.93 14.78
N VAL A 53 0.64 -2.70 14.83
CA VAL A 53 0.46 -3.75 15.84
C VAL A 53 0.86 -5.09 15.21
N PHE A 54 2.05 -5.56 15.58
CA PHE A 54 2.64 -6.79 15.07
C PHE A 54 2.92 -7.76 16.23
N ASN A 55 3.00 -9.04 15.89
CA ASN A 55 3.51 -10.03 16.84
C ASN A 55 4.54 -10.91 16.14
N GLN A 56 5.54 -11.37 16.88
CA GLN A 56 6.54 -12.28 16.34
C GLN A 56 6.27 -13.71 16.83
N THR A 57 6.27 -14.65 15.90
CA THR A 57 6.11 -16.08 16.18
C THR A 57 7.42 -16.82 15.91
N ARG A 58 7.51 -18.03 16.45
CA ARG A 58 8.64 -18.93 16.18
C ARG A 58 8.09 -20.29 15.78
N THR A 59 8.48 -20.78 14.61
CA THR A 59 8.05 -22.07 14.12
C THR A 59 9.27 -22.89 13.73
N GLU A 60 9.33 -24.12 14.24
CA GLU A 60 10.42 -25.01 13.85
C GLU A 60 10.08 -25.66 12.52
N VAL A 61 10.98 -25.50 11.55
CA VAL A 61 10.81 -26.06 10.22
C VAL A 61 12.17 -26.62 9.81
N ALA A 62 12.26 -27.95 9.65
CA ALA A 62 13.48 -28.62 9.24
C ALA A 62 14.66 -28.26 10.14
N ASN A 63 14.51 -28.56 11.43
CA ASN A 63 15.56 -28.37 12.42
C ASN A 63 16.04 -26.92 12.50
N LYS A 64 15.21 -25.98 12.09
CA LYS A 64 15.56 -24.57 12.14
C LYS A 64 14.34 -23.75 12.58
N ASP A 65 14.59 -22.75 13.41
CA ASP A 65 13.56 -21.86 13.92
C ASP A 65 13.31 -20.74 12.91
N VAL A 66 12.09 -20.65 12.40
CA VAL A 66 11.67 -19.58 11.51
C VAL A 66 10.89 -18.56 12.34
N VAL A 67 11.42 -17.34 12.47
CA VAL A 67 10.74 -16.24 13.16
C VAL A 67 10.05 -15.34 12.14
N ASN A 68 8.75 -15.11 12.34
CA ASN A 68 7.95 -14.27 11.47
C ASN A 68 7.34 -13.14 12.30
N GLU A 69 7.29 -11.94 11.74
CA GLU A 69 6.62 -10.81 12.40
C GLU A 69 5.31 -10.57 11.65
N ASP A 70 4.20 -10.88 12.31
CA ASP A 70 2.87 -10.86 11.68
C ASP A 70 2.12 -9.61 12.14
N MET A 71 1.53 -8.88 11.19
CA MET A 71 0.43 -7.96 11.53
C MET A 71 -0.70 -8.76 12.17
N VAL A 72 -1.17 -8.33 13.34
CA VAL A 72 -2.12 -9.14 14.13
C VAL A 72 -3.56 -8.96 13.64
N ASN A 73 -4.23 -10.08 13.37
CA ASN A 73 -5.69 -10.10 13.29
C ASN A 73 -6.24 -10.04 14.70
N LEU A 74 -6.92 -8.93 15.04
CA LEU A 74 -7.42 -8.72 16.40
C LEU A 74 -8.61 -9.62 16.69
N PRO A 75 -8.92 -9.85 17.97
CA PRO A 75 -10.19 -10.50 18.32
C PRO A 75 -11.34 -9.88 17.53
N ASN A 76 -12.21 -10.74 16.98
CA ASN A 76 -13.21 -10.32 16.02
C ASN A 76 -14.43 -9.77 16.75
N PRO A 77 -14.70 -8.47 16.69
CA PRO A 77 -15.79 -7.88 17.48
C PRO A 77 -17.14 -7.84 16.78
N GLN A 78 -17.28 -8.38 15.57
CA GLN A 78 -18.50 -8.20 14.79
C GLN A 78 -19.36 -9.46 14.73
N LEU A 79 -18.99 -10.52 15.44
CA LEU A 79 -19.62 -11.82 15.25
C LEU A 79 -21.02 -11.82 15.88
N PHE A 80 -22.03 -12.17 15.09
CA PHE A 80 -23.39 -12.32 15.59
C PHE A 80 -23.85 -13.75 15.35
N LYS A 81 -24.50 -14.33 16.35
CA LYS A 81 -25.11 -15.66 16.21
C LYS A 81 -26.57 -15.57 16.59
N LEU A 82 -27.43 -16.18 15.77
CA LEU A 82 -28.87 -16.04 15.90
C LEU A 82 -29.49 -17.38 16.26
N THR A 83 -30.58 -17.32 17.01
CA THR A 83 -31.28 -18.51 17.46
C THR A 83 -32.78 -18.25 17.35
N LEU A 84 -33.50 -19.19 16.72
CA LEU A 84 -34.95 -19.09 16.57
C LEU A 84 -35.58 -20.25 17.33
N ASP A 85 -36.37 -19.92 18.35
CA ASP A 85 -37.00 -20.93 19.21
C ASP A 85 -35.96 -21.99 19.64
N ASP A 86 -34.82 -21.50 20.10
CA ASP A 86 -33.71 -22.31 20.61
C ASP A 86 -33.09 -23.22 19.55
N GLN A 87 -33.33 -22.95 18.27
CA GLN A 87 -32.63 -23.62 17.19
C GLN A 87 -31.65 -22.67 16.51
N PRO A 88 -30.37 -23.02 16.43
CA PRO A 88 -29.40 -22.14 15.76
C PRO A 88 -29.84 -21.80 14.35
N VAL A 89 -29.68 -20.52 13.98
CA VAL A 89 -29.94 -20.10 12.60
C VAL A 89 -28.71 -20.42 11.78
N VAL A 90 -28.83 -21.40 10.88
CA VAL A 90 -27.73 -21.75 9.98
C VAL A 90 -27.68 -20.74 8.84
N ILE A 91 -26.54 -20.08 8.69
CA ILE A 91 -26.32 -19.06 7.68
C ILE A 91 -25.07 -19.49 6.92
N ASN A 92 -25.25 -20.02 5.72
CA ASN A 92 -24.12 -20.47 4.89
C ASN A 92 -24.59 -20.50 3.44
N HIS A 93 -23.72 -21.00 2.54
CA HIS A 93 -24.07 -20.96 1.13
C HIS A 93 -25.26 -21.85 0.79
N ASP A 94 -25.60 -22.81 1.66
CA ASP A 94 -26.76 -23.68 1.43
C ASP A 94 -28.07 -23.06 1.90
N THR A 95 -28.05 -22.06 2.79
CA THR A 95 -29.27 -21.43 3.26
C THR A 95 -29.45 -19.98 2.82
N ILE A 96 -28.40 -19.29 2.42
CA ILE A 96 -28.53 -17.91 1.95
C ILE A 96 -29.15 -17.94 0.56
N THR A 97 -30.31 -17.31 0.40
CA THR A 97 -30.98 -17.33 -0.90
C THR A 97 -30.78 -16.04 -1.69
N HIS A 98 -30.28 -14.99 -1.07
CA HIS A 98 -29.94 -13.76 -1.77
C HIS A 98 -28.87 -13.04 -0.95
N ARG A 99 -27.88 -12.49 -1.64
CA ARG A 99 -26.80 -11.77 -0.99
C ARG A 99 -26.38 -10.61 -1.89
N GLU A 100 -26.34 -9.42 -1.31
CA GLU A 100 -25.64 -8.31 -1.94
C GLU A 100 -24.87 -7.57 -0.87
N ALA A 101 -23.69 -7.10 -1.25
CA ALA A 101 -22.80 -6.43 -0.33
C ALA A 101 -22.08 -5.33 -1.09
N GLY A 102 -21.85 -4.21 -0.42
CA GLY A 102 -21.18 -3.12 -1.10
C GLY A 102 -20.68 -2.08 -0.13
N VAL A 103 -19.85 -1.18 -0.66
CA VAL A 103 -19.40 -0.01 0.07
C VAL A 103 -19.75 1.21 -0.76
N ASP A 104 -20.38 2.19 -0.11
CA ASP A 104 -20.70 3.46 -0.71
C ASP A 104 -19.52 4.41 -0.45
N PHE A 105 -18.78 4.76 -1.50
CA PHE A 105 -17.62 5.63 -1.32
C PHE A 105 -18.01 7.04 -0.89
N GLN A 106 -19.25 7.44 -1.15
CA GLN A 106 -19.69 8.79 -0.81
C GLN A 106 -19.78 9.01 0.70
N ASN A 107 -20.07 7.96 1.48
CA ASN A 107 -20.21 8.11 2.93
C ASN A 107 -19.38 7.12 3.72
N GLY A 108 -18.69 6.19 3.05
CA GLY A 108 -17.81 5.25 3.72
C GLY A 108 -18.51 4.09 4.38
N LEU A 109 -19.77 3.82 4.03
CA LEU A 109 -20.58 2.83 4.71
C LEU A 109 -20.56 1.53 3.92
N PHE A 110 -20.32 0.43 4.63
CA PHE A 110 -20.51 -0.91 4.09
C PHE A 110 -21.95 -1.33 4.37
N THR A 111 -22.59 -1.95 3.37
CA THR A 111 -23.88 -2.59 3.61
C THR A 111 -23.86 -4.02 3.09
N GLU A 112 -24.56 -4.89 3.80
CA GLU A 112 -24.80 -6.24 3.34
C GLU A 112 -26.27 -6.56 3.58
N GLU A 113 -26.92 -7.14 2.59
CA GLU A 113 -28.31 -7.55 2.71
C GLU A 113 -28.38 -9.02 2.36
N LEU A 114 -28.85 -9.83 3.30
CA LEU A 114 -28.98 -11.27 3.12
C LEU A 114 -30.44 -11.67 3.26
N THR A 115 -30.82 -12.69 2.50
CA THR A 115 -32.06 -13.40 2.72
C THR A 115 -31.71 -14.84 3.04
N VAL A 116 -32.26 -15.37 4.13
CA VAL A 116 -31.86 -16.65 4.67
C VAL A 116 -33.10 -17.51 4.86
N ALA A 117 -33.03 -18.75 4.37
CA ALA A 117 -34.14 -19.69 4.50
C ALA A 117 -34.00 -20.43 5.81
N VAL A 118 -35.03 -20.35 6.64
CA VAL A 118 -35.05 -21.04 7.94
C VAL A 118 -36.35 -21.84 7.99
N PRO A 119 -36.43 -22.85 8.87
CA PRO A 119 -37.64 -23.69 8.90
C PRO A 119 -38.94 -22.88 8.91
N GLN A 120 -39.06 -21.91 9.81
CA GLN A 120 -40.29 -21.12 9.91
C GLN A 120 -40.55 -20.29 8.66
N GLY A 121 -39.54 -20.10 7.81
CA GLY A 121 -39.73 -19.26 6.64
C GLY A 121 -38.48 -18.52 6.18
N GLN A 122 -38.60 -17.20 6.04
CA GLN A 122 -37.57 -16.34 5.49
C GLN A 122 -37.09 -15.31 6.51
N LEU A 123 -35.77 -15.12 6.58
CA LEU A 123 -35.15 -14.10 7.41
C LEU A 123 -34.40 -13.11 6.53
N THR A 124 -34.68 -11.82 6.71
CA THR A 124 -33.94 -10.75 6.04
C THR A 124 -32.97 -10.16 7.04
N LEU A 125 -31.68 -10.15 6.70
CA LEU A 125 -30.60 -9.63 7.55
C LEU A 125 -29.86 -8.55 6.78
N ARG A 126 -29.90 -7.33 7.30
CA ARG A 126 -29.28 -6.18 6.66
C ARG A 126 -28.31 -5.53 7.64
N THR A 127 -27.06 -5.42 7.22
CA THR A 127 -25.96 -4.95 8.06
C THR A 127 -25.43 -3.63 7.50
N VAL A 128 -25.20 -2.65 8.37
CA VAL A 128 -24.40 -1.48 8.05
C VAL A 128 -23.15 -1.53 8.94
N LYS A 129 -21.97 -1.38 8.33
CA LYS A 129 -20.74 -1.19 9.10
C LYS A 129 -20.16 0.18 8.77
N ALA A 130 -19.55 0.81 9.78
CA ALA A 130 -18.90 2.10 9.60
C ALA A 130 -17.73 2.22 10.56
N VAL A 131 -16.73 3.00 10.15
CA VAL A 131 -15.63 3.38 11.03
C VAL A 131 -15.63 4.90 11.15
N ASP A 132 -15.37 5.38 12.36
CA ASP A 132 -15.34 6.82 12.62
C ASP A 132 -13.97 7.37 12.25
N PRO A 133 -13.86 8.29 11.29
CA PRO A 133 -12.54 8.83 10.93
C PRO A 133 -12.03 9.90 11.88
N LYS A 134 -12.86 10.41 12.80
CA LYS A 134 -12.44 11.43 13.76
C LYS A 134 -12.17 10.83 15.14
N GLN A 135 -13.18 10.24 15.76
CA GLN A 135 -12.98 9.36 16.92
C GLN A 135 -12.54 8.00 16.39
N TYR A 136 -11.29 7.96 15.91
CA TYR A 136 -10.87 6.87 15.03
C TYR A 136 -10.69 5.54 15.77
N HIS A 137 -10.81 5.51 17.09
CA HIS A 137 -10.83 4.23 17.81
C HIS A 137 -12.19 3.54 17.76
N MET A 138 -13.20 4.15 17.15
CA MET A 138 -14.57 3.67 17.25
C MET A 138 -15.09 3.11 15.94
N LEU A 139 -15.82 2.01 16.05
CA LEU A 139 -16.43 1.33 14.92
C LEU A 139 -17.90 1.16 15.24
N GLY A 140 -18.70 0.93 14.21
CA GLY A 140 -20.14 0.80 14.40
C GLY A 140 -20.76 -0.24 13.51
N ILE A 141 -21.74 -0.97 14.06
CA ILE A 141 -22.54 -1.93 13.33
C ILE A 141 -24.01 -1.63 13.57
N GLN A 142 -24.79 -1.68 12.50
CA GLN A 142 -26.23 -1.55 12.55
C GLN A 142 -26.80 -2.81 11.91
N LEU A 143 -27.62 -3.54 12.64
CA LEU A 143 -28.18 -4.80 12.16
C LEU A 143 -29.70 -4.71 12.20
N ALA A 144 -30.35 -4.94 11.05
CA ALA A 144 -31.80 -4.95 10.96
C ALA A 144 -32.24 -6.37 10.60
N ILE A 145 -33.11 -6.94 11.43
CA ILE A 145 -33.59 -8.31 11.30
C ILE A 145 -35.11 -8.27 11.09
N THR A 146 -35.58 -8.91 10.02
CA THR A 146 -36.99 -9.05 9.73
C THR A 146 -37.32 -10.48 9.36
N ALA A 147 -38.41 -11.01 9.90
CA ALA A 147 -38.90 -12.33 9.56
C ALA A 147 -40.32 -12.23 9.01
N ASP A 148 -40.67 -13.14 8.10
CA ASP A 148 -42.06 -13.23 7.63
C ASP A 148 -42.85 -14.26 8.45
N PHE A 149 -42.57 -14.30 9.75
CA PHE A 149 -43.20 -15.21 10.70
C PHE A 149 -42.93 -14.63 12.09
N SER A 150 -43.45 -15.30 13.12
CA SER A 150 -43.25 -14.89 14.50
C SER A 150 -42.53 -16.00 15.26
N ALA A 151 -41.45 -15.64 15.96
CA ALA A 151 -40.72 -16.60 16.76
C ALA A 151 -39.95 -15.87 17.84
N GLN A 152 -39.45 -16.64 18.80
CA GLN A 152 -38.50 -16.13 19.78
C GLN A 152 -37.12 -16.06 19.13
N LEU A 153 -36.56 -14.86 19.05
CA LEU A 153 -35.21 -14.67 18.54
C LEU A 153 -34.26 -14.36 19.69
N GLN A 154 -33.18 -15.13 19.80
CA GLN A 154 -32.07 -14.78 20.68
C GLN A 154 -30.92 -14.29 19.81
N VAL A 155 -30.30 -13.19 20.23
CA VAL A 155 -29.13 -12.65 19.54
C VAL A 155 -27.94 -12.73 20.47
N GLU A 156 -26.88 -13.41 20.01
CA GLU A 156 -25.60 -13.46 20.68
C GLU A 156 -24.63 -12.55 19.93
N SER A 157 -24.10 -11.54 20.63
CA SER A 157 -23.20 -10.55 20.07
C SER A 157 -21.83 -10.76 20.72
N ILE A 158 -20.84 -11.10 19.92
CA ILE A 158 -19.62 -11.74 20.42
C ILE A 158 -18.38 -10.93 20.02
N ILE A 159 -17.40 -10.89 20.92
CA ILE A 159 -16.02 -10.56 20.58
C ILE A 159 -15.23 -11.87 20.67
N ASP A 160 -14.75 -12.35 19.53
CA ASP A 160 -14.21 -13.71 19.42
C ASP A 160 -12.69 -13.63 19.49
N GLY A 161 -12.15 -13.89 20.70
CA GLY A 161 -10.72 -13.94 20.91
C GLY A 161 -10.08 -15.30 20.68
N THR A 162 -10.77 -16.21 20.00
CA THR A 162 -10.22 -17.54 19.74
C THR A 162 -9.54 -17.66 18.37
N LEU A 163 -9.52 -16.59 17.57
CA LEU A 163 -9.10 -16.75 16.19
C LEU A 163 -7.58 -16.72 16.07
N LEU A 164 -7.09 -17.06 14.88
CA LEU A 164 -5.69 -17.03 14.50
C LEU A 164 -5.51 -16.17 13.26
N ASN A 165 -4.25 -15.91 12.90
CA ASN A 165 -3.94 -15.36 11.58
C ASN A 165 -4.01 -16.49 10.57
N GLN A 166 -4.99 -16.46 9.69
CA GLN A 166 -5.21 -17.54 8.73
C GLN A 166 -5.53 -17.03 7.33
N ASN A 167 -5.42 -15.71 7.08
CA ASN A 167 -5.83 -15.14 5.80
C ASN A 167 -5.03 -15.74 4.64
N VAL A 168 -3.72 -15.89 4.80
CA VAL A 168 -2.83 -16.32 3.73
C VAL A 168 -2.60 -17.81 3.84
N ALA A 169 -3.01 -18.56 2.81
CA ALA A 169 -2.94 -20.02 2.90
C ALA A 169 -1.51 -20.51 3.11
N ARG A 170 -0.54 -19.97 2.35
CA ARG A 170 0.82 -20.46 2.48
C ARG A 170 1.48 -20.10 3.79
N TYR A 171 0.90 -19.21 4.60
CA TYR A 171 1.43 -18.93 5.92
C TYR A 171 0.86 -19.84 7.01
N ARG A 172 -0.16 -20.63 6.71
CA ARG A 172 -0.81 -21.43 7.73
C ARG A 172 0.09 -22.54 8.26
N ALA A 173 1.18 -22.85 7.56
CA ALA A 173 2.16 -23.80 8.06
C ALA A 173 2.87 -23.28 9.30
N PHE A 174 2.85 -21.97 9.54
CA PHE A 174 3.54 -21.37 10.66
C PHE A 174 2.59 -21.20 11.84
N ASP A 175 3.18 -21.09 13.03
CA ASP A 175 2.43 -20.75 14.24
C ASP A 175 1.61 -19.50 13.98
N SER A 176 0.30 -19.60 14.16
CA SER A 176 -0.59 -18.52 13.78
C SER A 176 -1.35 -17.90 14.95
N ARG A 177 -1.00 -18.24 16.18
CA ARG A 177 -1.61 -17.62 17.35
C ARG A 177 -0.76 -16.42 17.75
N GLU A 178 -1.38 -15.24 17.75
CA GLU A 178 -0.62 -14.00 17.88
C GLU A 178 -0.77 -13.33 19.25
N PHE A 179 -1.74 -13.76 20.06
CA PHE A 179 -1.98 -13.17 21.36
C PHE A 179 -2.51 -14.24 22.31
N ASN A 180 -2.48 -13.92 23.60
CA ASN A 180 -3.23 -14.63 24.63
C ASN A 180 -4.30 -13.70 25.18
N VAL A 181 -5.53 -14.20 25.29
CA VAL A 181 -6.57 -13.44 25.99
C VAL A 181 -6.21 -13.41 27.46
N THR A 182 -6.18 -12.21 28.06
CA THR A 182 -5.77 -12.09 29.44
C THR A 182 -6.93 -11.81 30.39
N GLU A 183 -7.99 -11.17 29.91
CA GLU A 183 -9.15 -10.96 30.78
C GLU A 183 -10.37 -10.64 29.91
N ILE A 184 -11.52 -11.12 30.36
CA ILE A 184 -12.81 -10.72 29.83
C ILE A 184 -13.62 -10.22 31.02
N ALA A 185 -14.07 -8.97 30.95
CA ALA A 185 -14.77 -8.31 32.04
C ALA A 185 -15.80 -7.37 31.47
N GLY A 186 -17.07 -7.64 31.75
CA GLY A 186 -18.16 -6.81 31.26
C GLY A 186 -18.15 -6.71 29.75
N ASP A 187 -18.01 -5.49 29.24
CA ASP A 187 -18.05 -5.21 27.81
C ASP A 187 -16.73 -5.48 27.09
N ILE A 188 -15.67 -5.84 27.81
CA ILE A 188 -14.32 -5.61 27.33
C ILE A 188 -13.52 -6.91 27.36
N LEU A 189 -12.84 -7.20 26.25
CA LEU A 189 -11.90 -8.30 26.14
C LEU A 189 -10.49 -7.73 26.05
N THR A 190 -9.60 -8.23 26.89
CA THR A 190 -8.20 -7.81 26.86
C THR A 190 -7.31 -8.97 26.43
N ALA A 191 -6.34 -8.65 25.57
CA ALA A 191 -5.40 -9.64 25.05
C ALA A 191 -4.03 -9.01 25.08
N LYS A 192 -3.00 -9.86 25.02
CA LYS A 192 -1.63 -9.34 24.97
C LYS A 192 -0.87 -10.15 23.92
N THR A 193 -0.17 -9.49 23.01
CA THR A 193 0.60 -10.21 22.00
C THR A 193 1.65 -11.08 22.68
N ARG A 194 1.98 -12.20 22.04
CA ARG A 194 2.80 -13.20 22.74
C ARG A 194 4.26 -12.78 22.88
N SER A 195 4.83 -12.04 21.93
CA SER A 195 6.23 -11.70 22.05
C SER A 195 6.54 -10.20 21.99
N THR A 196 5.58 -9.35 21.61
CA THR A 196 5.87 -7.93 21.45
C THR A 196 5.28 -7.08 22.57
N ASP A 197 4.66 -7.68 23.60
CA ASP A 197 4.26 -6.95 24.82
C ASP A 197 3.21 -5.87 24.55
N ILE A 198 2.30 -6.11 23.61
CA ILE A 198 1.28 -5.13 23.27
C ILE A 198 -0.05 -5.58 23.86
N ASP A 199 -0.61 -4.77 24.76
CA ASP A 199 -1.95 -5.01 25.28
C ASP A 199 -2.98 -4.55 24.24
N ILE A 200 -3.85 -5.47 23.85
CA ILE A 200 -4.92 -5.20 22.89
C ILE A 200 -6.24 -5.21 23.64
N VAL A 201 -7.00 -4.13 23.53
CA VAL A 201 -8.27 -4.01 24.25
C VAL A 201 -9.39 -3.81 23.22
N VAL A 202 -10.38 -4.69 23.26
CA VAL A 202 -11.52 -4.67 22.34
C VAL A 202 -12.77 -4.67 23.21
N GLY A 203 -13.54 -3.59 23.16
CA GLY A 203 -14.76 -3.54 23.94
C GLY A 203 -15.95 -3.28 23.05
N ALA A 204 -17.15 -3.68 23.48
CA ALA A 204 -18.33 -3.36 22.69
C ALA A 204 -19.56 -3.22 23.58
N GLU A 205 -20.54 -2.48 23.08
CA GLU A 205 -21.86 -2.41 23.70
C GLU A 205 -22.92 -2.62 22.62
N THR A 206 -23.80 -3.59 22.84
CA THR A 206 -24.86 -3.94 21.89
C THR A 206 -26.19 -3.47 22.48
N THR A 207 -26.94 -2.68 21.71
CA THR A 207 -28.16 -2.05 22.21
C THR A 207 -29.25 -2.16 21.17
N SER A 208 -30.47 -1.85 21.60
CA SER A 208 -31.63 -1.90 20.72
C SER A 208 -32.79 -1.18 21.39
N ASP A 209 -33.64 -0.60 20.56
CA ASP A 209 -34.85 0.06 21.05
C ASP A 209 -35.82 -0.91 21.70
N VAL A 210 -35.82 -2.18 21.29
CA VAL A 210 -36.87 -3.10 21.71
C VAL A 210 -36.34 -4.31 22.47
N MET A 211 -35.05 -4.33 22.79
CA MET A 211 -34.52 -5.43 23.60
C MET A 211 -33.34 -4.93 24.42
N THR A 212 -33.05 -5.67 25.48
CA THR A 212 -31.92 -5.38 26.33
C THR A 212 -30.90 -6.50 26.19
N PHE A 213 -29.62 -6.14 26.14
CA PHE A 213 -28.54 -7.09 26.07
C PHE A 213 -27.82 -7.18 27.40
N GLN A 214 -27.42 -8.39 27.78
CA GLN A 214 -26.64 -8.54 29.00
C GLN A 214 -25.39 -9.35 28.71
N ASN A 215 -24.29 -8.94 29.31
CA ASN A 215 -23.06 -9.71 29.28
C ASN A 215 -23.25 -11.03 30.02
N VAL A 216 -22.86 -12.14 29.38
CA VAL A 216 -22.98 -13.47 29.96
C VAL A 216 -21.67 -14.23 29.79
N GLU A 217 -21.54 -15.32 30.55
CA GLU A 217 -20.36 -16.17 30.41
C GLU A 217 -20.43 -16.93 29.09
N GLY A 218 -19.46 -16.69 28.23
CA GLY A 218 -19.39 -17.39 26.96
C GLY A 218 -18.31 -18.44 26.97
N PRO A 219 -18.10 -19.08 25.81
CA PRO A 219 -16.96 -20.00 25.64
C PRO A 219 -15.63 -19.33 26.02
N ALA A 220 -14.61 -20.13 26.30
CA ALA A 220 -13.30 -19.59 26.63
C ALA A 220 -12.82 -18.62 25.56
N ASP A 221 -12.22 -17.51 26.00
CA ASP A 221 -11.64 -16.48 25.15
C ASP A 221 -12.67 -15.77 24.27
N MET A 222 -13.93 -15.77 24.66
CA MET A 222 -14.98 -15.11 23.89
C MET A 222 -15.74 -14.21 24.86
N GLN A 223 -15.94 -12.95 24.49
CA GLN A 223 -16.81 -12.06 25.23
C GLN A 223 -18.18 -12.11 24.58
N VAL A 224 -19.23 -12.23 25.39
CA VAL A 224 -20.55 -12.48 24.81
C VAL A 224 -21.57 -11.58 25.50
N SER A 225 -22.40 -10.93 24.71
CA SER A 225 -23.58 -10.24 25.20
C SER A 225 -24.79 -10.82 24.48
N THR A 226 -25.87 -11.08 25.21
CA THR A 226 -27.03 -11.78 24.64
C THR A 226 -28.33 -11.04 24.98
N GLY A 227 -29.28 -11.12 24.05
CA GLY A 227 -30.58 -10.54 24.24
C GLY A 227 -31.62 -11.36 23.51
N GLU A 228 -32.89 -11.12 23.85
CA GLU A 228 -34.02 -11.91 23.37
C GLU A 228 -35.17 -11.00 23.00
N VAL A 229 -35.82 -11.28 21.86
CA VAL A 229 -36.94 -10.47 21.42
C VAL A 229 -37.94 -11.37 20.70
N THR A 230 -39.21 -11.04 20.80
CA THR A 230 -40.26 -11.74 20.07
C THR A 230 -40.38 -11.08 18.71
N LEU A 231 -39.99 -11.80 17.65
CA LEU A 231 -40.18 -11.26 16.31
C LEU A 231 -41.65 -11.28 15.96
N GLN A 232 -42.13 -10.15 15.44
CA GLN A 232 -43.47 -10.03 14.89
C GLN A 232 -43.36 -10.07 13.37
N THR A 233 -44.31 -10.73 12.73
CA THR A 233 -44.25 -10.95 11.30
C THR A 233 -44.06 -9.64 10.57
N ASN A 234 -43.02 -9.59 9.75
CA ASN A 234 -42.69 -8.46 8.87
C ASN A 234 -42.38 -7.19 9.65
N GLN A 235 -41.98 -7.31 10.91
CA GLN A 235 -41.69 -6.14 11.74
C GLN A 235 -40.19 -6.17 12.08
N THR A 236 -39.48 -5.15 11.63
CA THR A 236 -38.02 -5.14 11.68
C THR A 236 -37.54 -4.81 13.10
N VAL A 237 -36.53 -5.56 13.55
CA VAL A 237 -35.80 -5.28 14.79
C VAL A 237 -34.44 -4.71 14.44
N GLN A 238 -34.06 -3.61 15.07
CA GLN A 238 -32.80 -2.93 14.79
C GLN A 238 -31.89 -3.00 16.01
N ILE A 239 -30.65 -3.43 15.77
CA ILE A 239 -29.64 -3.62 16.81
C ILE A 239 -28.41 -2.79 16.42
N ASP A 240 -27.87 -2.04 17.38
CA ASP A 240 -26.60 -1.33 17.22
C ASP A 240 -25.50 -1.96 18.06
N LYS A 241 -24.32 -2.08 17.47
CA LYS A 241 -23.15 -2.53 18.23
C LYS A 241 -22.06 -1.50 18.07
N LEU A 242 -21.76 -0.81 19.17
CA LEU A 242 -20.66 0.14 19.19
C LEU A 242 -19.40 -0.57 19.65
N ILE A 243 -18.30 -0.35 18.94
CA ILE A 243 -17.03 -1.04 19.23
C ILE A 243 -15.94 0.00 19.45
N ALA A 244 -15.10 -0.24 20.45
CA ALA A 244 -13.94 0.58 20.74
C ALA A 244 -12.71 -0.30 20.79
N ILE A 245 -11.64 0.16 20.13
CA ILE A 245 -10.37 -0.55 19.98
C ILE A 245 -9.26 0.33 20.51
N GLY A 246 -8.42 -0.21 21.39
CA GLY A 246 -7.23 0.51 21.81
C GLY A 246 -6.12 -0.46 22.14
N THR A 247 -4.88 -0.05 21.92
CA THR A 247 -3.72 -0.87 22.28
C THR A 247 -2.68 -0.04 23.01
N SER A 248 -1.79 -0.74 23.74
CA SER A 248 -0.68 -0.07 24.41
C SER A 248 0.40 0.38 23.45
N TYR A 249 0.30 0.07 22.16
CA TYR A 249 1.29 0.62 21.24
C TYR A 249 1.11 2.12 21.08
N GLU A 250 -0.14 2.60 21.01
CA GLU A 250 -0.41 4.02 20.84
C GLU A 250 -1.02 4.68 22.06
N LEU A 251 -1.50 3.92 23.05
CA LEU A 251 -2.10 4.50 24.25
C LEU A 251 -1.34 4.07 25.50
N SER A 252 -1.21 4.98 26.47
CA SER A 252 -0.58 4.58 27.73
C SER A 252 -1.53 3.75 28.61
N GLU A 253 -2.84 3.97 28.54
CA GLU A 253 -3.81 3.24 29.36
C GLU A 253 -4.97 2.75 28.50
N PRO A 254 -4.74 1.73 27.67
CA PRO A 254 -5.79 1.35 26.70
C PRO A 254 -7.06 0.81 27.33
N LEU A 255 -6.98 0.17 28.50
CA LEU A 255 -8.19 -0.37 29.11
C LEU A 255 -9.13 0.75 29.54
N VAL A 256 -8.61 1.71 30.30
CA VAL A 256 -9.40 2.87 30.70
C VAL A 256 -9.94 3.63 29.50
N PHE A 257 -9.10 3.81 28.48
CA PHE A 257 -9.52 4.52 27.29
C PHE A 257 -10.75 3.86 26.67
N VAL A 258 -10.71 2.55 26.51
CA VAL A 258 -11.83 1.84 25.87
C VAL A 258 -13.08 1.90 26.74
N GLN A 259 -12.94 1.81 28.06
CA GLN A 259 -14.11 1.91 28.94
C GLN A 259 -14.77 3.27 28.77
N ALA A 260 -13.96 4.33 28.76
CA ALA A 260 -14.52 5.67 28.59
C ALA A 260 -15.08 5.85 27.18
N ALA A 261 -14.45 5.24 26.18
CA ALA A 261 -14.91 5.42 24.81
C ALA A 261 -16.29 4.80 24.60
N LEU A 262 -16.51 3.60 25.15
CA LEU A 262 -17.82 2.97 25.02
C LEU A 262 -18.92 3.75 25.71
N ALA A 263 -18.58 4.51 26.75
CA ALA A 263 -19.60 5.25 27.48
C ALA A 263 -19.96 6.57 26.82
N THR A 264 -19.21 7.02 25.81
CA THR A 264 -19.32 8.39 25.29
C THR A 264 -19.59 8.47 23.79
N HIS A 265 -19.99 7.38 23.13
CA HIS A 265 -20.19 7.43 21.69
C HIS A 265 -21.45 6.64 21.34
N SER A 266 -21.74 6.54 20.04
CA SER A 266 -22.88 5.77 19.57
C SER A 266 -22.64 5.40 18.12
N VAL A 267 -23.37 4.38 17.67
CA VAL A 267 -23.29 3.96 16.27
C VAL A 267 -23.78 5.07 15.35
N ASP A 268 -24.89 5.73 15.73
CA ASP A 268 -25.35 6.85 14.92
C ASP A 268 -24.26 7.92 14.76
N LYS A 269 -23.51 8.25 15.84
CA LYS A 269 -22.43 9.23 15.69
C LYS A 269 -21.32 8.71 14.79
N VAL A 270 -21.05 7.40 14.84
CA VAL A 270 -20.03 6.85 13.93
C VAL A 270 -20.46 7.06 12.49
N ILE A 271 -21.72 6.74 12.19
CA ILE A 271 -22.20 6.81 10.81
C ILE A 271 -22.20 8.26 10.33
N GLU A 272 -22.68 9.18 11.17
CA GLU A 272 -22.71 10.58 10.79
C GLU A 272 -21.30 11.16 10.66
N SER A 273 -20.37 10.73 11.50
CA SER A 273 -18.98 11.19 11.35
C SER A 273 -18.36 10.70 10.05
N SER A 274 -18.52 9.40 9.74
CA SER A 274 -18.04 8.89 8.46
C SER A 274 -18.66 9.66 7.31
N THR A 275 -19.98 9.85 7.35
CA THR A 275 -20.68 10.55 6.28
C THR A 275 -20.12 11.95 6.07
N ALA A 276 -19.98 12.72 7.14
CA ALA A 276 -19.52 14.11 7.01
C ALA A 276 -18.05 14.16 6.57
N TYR A 277 -17.24 13.21 7.03
CA TYR A 277 -15.83 13.17 6.64
C TYR A 277 -15.69 12.96 5.14
N TRP A 278 -16.34 11.94 4.61
CA TRP A 278 -16.17 11.64 3.18
C TRP A 278 -16.77 12.73 2.31
N GLN A 279 -17.93 13.28 2.70
CA GLN A 279 -18.50 14.38 1.93
C GLN A 279 -17.51 15.54 1.81
N GLU A 280 -16.80 15.85 2.91
CA GLU A 280 -15.73 16.84 2.86
C GLU A 280 -14.58 16.42 1.95
N VAL A 281 -14.12 15.18 2.11
CA VAL A 281 -13.01 14.68 1.29
C VAL A 281 -13.29 14.91 -0.19
N TRP A 282 -14.48 14.49 -0.64
CA TRP A 282 -14.77 14.46 -2.07
C TRP A 282 -14.91 15.85 -2.70
N GLU A 283 -14.99 16.91 -1.89
CA GLU A 283 -15.05 18.25 -2.48
C GLU A 283 -13.76 18.62 -3.21
N THR A 284 -12.63 18.02 -2.83
CA THR A 284 -11.37 18.26 -3.50
C THR A 284 -10.67 17.01 -4.01
N ALA A 285 -10.99 15.83 -3.49
CA ALA A 285 -10.24 14.63 -3.85
C ALA A 285 -10.83 13.88 -5.04
N ASP A 286 -12.01 14.25 -5.53
CA ASP A 286 -12.58 13.52 -6.65
C ASP A 286 -11.70 13.70 -7.87
N ILE A 287 -11.55 12.65 -8.65
CA ILE A 287 -10.90 12.71 -9.95
C ILE A 287 -11.95 12.30 -10.95
N GLN A 288 -12.50 13.26 -11.68
CA GLN A 288 -13.60 12.98 -12.57
C GLN A 288 -13.06 12.69 -13.97
N LEU A 289 -13.49 11.56 -14.53
CA LEU A 289 -13.11 11.17 -15.87
C LEU A 289 -14.36 10.71 -16.61
N ASP A 290 -14.70 11.42 -17.69
CA ASP A 290 -15.74 10.99 -18.63
C ASP A 290 -15.04 10.33 -19.80
N SER A 291 -15.11 9.00 -19.87
CA SER A 291 -14.47 8.24 -20.92
C SER A 291 -15.47 7.26 -21.53
N ASP A 292 -15.01 6.46 -22.49
CA ASP A 292 -15.84 5.43 -23.12
C ASP A 292 -15.81 4.11 -22.38
N ASP A 293 -15.11 4.04 -21.25
CA ASP A 293 -15.07 2.85 -20.42
C ASP A 293 -16.06 3.01 -19.28
N PRO A 294 -17.12 2.20 -19.21
CA PRO A 294 -18.15 2.41 -18.18
C PRO A 294 -17.70 2.11 -16.75
N ASP A 295 -16.63 1.34 -16.56
CA ASP A 295 -16.21 1.02 -15.19
C ASP A 295 -15.12 1.93 -14.66
N MET A 296 -14.54 2.81 -15.49
CA MET A 296 -13.26 3.38 -15.09
C MET A 296 -13.44 4.45 -14.01
N GLN A 297 -14.55 5.19 -14.04
CA GLN A 297 -14.78 6.21 -13.02
C GLN A 297 -14.90 5.59 -11.63
N LEU A 298 -15.61 4.46 -11.53
CA LEU A 298 -15.72 3.78 -10.25
C LEU A 298 -14.35 3.30 -9.75
N MET A 299 -13.54 2.74 -10.65
CA MET A 299 -12.25 2.23 -10.24
C MET A 299 -11.32 3.35 -9.77
N ILE A 300 -11.42 4.53 -10.39
CA ILE A 300 -10.64 5.68 -9.92
C ILE A 300 -11.03 6.05 -8.50
N ARG A 301 -12.33 6.19 -8.24
CA ARG A 301 -12.77 6.53 -6.88
C ARG A 301 -12.47 5.41 -5.91
N MET A 302 -12.52 4.15 -6.35
CA MET A 302 -12.18 3.07 -5.42
C MET A 302 -10.71 3.16 -5.02
N ASN A 303 -9.83 3.57 -5.95
CA ASN A 303 -8.43 3.78 -5.61
C ASN A 303 -8.28 4.90 -4.58
N ILE A 304 -8.92 6.04 -4.82
CA ILE A 304 -8.78 7.18 -3.91
C ILE A 304 -9.27 6.80 -2.53
N PHE A 305 -10.43 6.13 -2.48
CA PHE A 305 -11.05 5.69 -1.23
C PHE A 305 -10.10 4.79 -0.43
N HIS A 306 -9.57 3.75 -1.06
CA HIS A 306 -8.72 2.83 -0.31
C HIS A 306 -7.39 3.46 0.10
N ILE A 307 -6.81 4.33 -0.74
CA ILE A 307 -5.58 5.00 -0.34
C ILE A 307 -5.83 5.89 0.87
N ARG A 308 -6.96 6.60 0.90
CA ARG A 308 -7.26 7.45 2.04
C ARG A 308 -7.74 6.68 3.27
N GLN A 309 -8.25 5.46 3.10
CA GLN A 309 -8.51 4.63 4.28
C GLN A 309 -7.22 4.06 4.87
N ALA A 310 -6.16 3.94 4.05
CA ALA A 310 -4.92 3.35 4.52
C ALA A 310 -4.16 4.27 5.47
N ALA A 311 -4.30 5.57 5.30
CA ALA A 311 -3.68 6.58 6.17
C ALA A 311 -4.43 7.89 5.99
N GLN A 312 -4.69 8.59 7.10
CA GLN A 312 -5.32 9.90 7.04
C GLN A 312 -4.96 10.65 8.33
N HIS A 313 -4.56 11.92 8.17
CA HIS A 313 -3.88 12.67 9.21
C HIS A 313 -4.63 12.69 10.54
N GLU A 314 -5.96 12.80 10.50
CA GLU A 314 -6.68 12.93 11.77
C GLU A 314 -6.40 11.72 12.68
N ALA A 315 -6.13 10.55 12.10
CA ALA A 315 -5.67 9.43 12.90
C ALA A 315 -4.15 9.34 12.95
N ASN A 316 -3.49 9.41 11.80
CA ASN A 316 -2.06 9.08 11.76
C ASN A 316 -1.19 10.13 12.44
N LYS A 317 -1.72 11.33 12.68
CA LYS A 317 -0.97 12.29 13.51
C LYS A 317 -0.57 11.71 14.85
N ASP A 318 -1.35 10.76 15.37
CA ASP A 318 -1.08 10.20 16.68
C ASP A 318 -0.39 8.84 16.61
N LEU A 319 -0.01 8.39 15.42
CA LEU A 319 0.41 7.02 15.20
C LEU A 319 1.83 6.95 14.65
N ASP A 320 2.47 5.82 14.92
CA ASP A 320 3.81 5.47 14.44
C ASP A 320 3.59 4.35 13.42
N ALA A 321 3.40 4.72 12.16
CA ALA A 321 2.97 3.75 11.16
C ALA A 321 3.16 4.31 9.77
N SER A 322 3.37 3.41 8.82
CA SER A 322 3.31 3.74 7.40
C SER A 322 2.26 2.86 6.72
N VAL A 323 2.25 2.87 5.40
CA VAL A 323 1.27 2.15 4.60
C VAL A 323 1.94 0.89 4.06
N GLY A 324 1.45 -0.29 4.47
CA GLY A 324 1.95 -1.54 3.95
C GLY A 324 1.46 -1.79 2.54
N SER A 325 2.00 -2.85 1.92
CA SER A 325 1.70 -3.09 0.51
C SER A 325 0.24 -3.43 0.28
N ARG A 326 -0.47 -3.89 1.32
CA ARG A 326 -1.91 -4.12 1.26
C ARG A 326 -2.67 -3.25 2.24
N GLY A 327 -2.11 -2.10 2.63
CA GLY A 327 -2.74 -1.28 3.66
C GLY A 327 -3.09 -2.13 4.88
N LEU A 328 -4.28 -1.92 5.41
CA LEU A 328 -4.78 -2.70 6.53
C LEU A 328 -5.96 -3.56 6.10
N THR A 329 -5.88 -4.13 4.90
CA THR A 329 -7.00 -4.87 4.32
C THR A 329 -6.82 -6.38 4.37
N GLY A 330 -5.66 -6.87 4.78
CA GLY A 330 -5.42 -8.31 4.80
C GLY A 330 -3.99 -8.59 5.20
N GLU A 331 -3.67 -9.88 5.27
CA GLU A 331 -2.40 -10.32 5.84
C GLU A 331 -1.33 -10.63 4.81
N GLY A 332 -1.59 -10.40 3.52
CA GLY A 332 -0.58 -10.58 2.49
C GLY A 332 0.72 -9.86 2.80
N TYR A 333 1.82 -10.61 2.84
CA TYR A 333 3.15 -10.10 3.20
C TYR A 333 3.19 -9.53 4.62
N ARG A 334 2.28 -9.98 5.46
CA ARG A 334 2.33 -9.76 6.90
C ARG A 334 2.25 -8.29 7.31
N GLY A 335 1.70 -7.43 6.45
CA GLY A 335 1.57 -6.03 6.79
C GLY A 335 2.86 -5.28 6.89
N HIS A 336 3.95 -5.84 6.39
CA HIS A 336 5.25 -5.19 6.41
C HIS A 336 5.26 -3.96 5.49
N ILE A 337 6.18 -3.04 5.77
CA ILE A 337 6.35 -1.82 4.98
C ILE A 337 7.46 -2.03 3.97
N PHE A 338 7.15 -1.76 2.70
CA PHE A 338 8.01 -1.95 1.53
C PHE A 338 8.29 -0.60 0.85
N TRP A 339 9.18 -0.62 -0.15
CA TRP A 339 9.39 0.55 -1.00
C TRP A 339 8.12 1.00 -1.72
N ASP A 340 7.05 0.19 -1.68
CA ASP A 340 5.71 0.50 -2.18
C ASP A 340 5.22 1.87 -1.72
N GLU A 341 5.76 2.37 -0.61
CA GLU A 341 5.50 3.74 -0.17
C GLU A 341 5.65 4.72 -1.32
N ILE A 342 6.58 4.43 -2.25
CA ILE A 342 6.82 5.33 -3.38
C ILE A 342 5.59 5.52 -4.25
N PHE A 343 4.61 4.62 -4.15
CA PHE A 343 3.39 4.76 -4.96
C PHE A 343 2.29 5.52 -4.25
N VAL A 344 2.46 5.89 -2.97
CA VAL A 344 1.38 6.61 -2.30
C VAL A 344 1.84 7.93 -1.69
N VAL A 345 3.10 8.02 -1.27
CA VAL A 345 3.60 9.27 -0.67
C VAL A 345 3.43 10.45 -1.64
N PRO A 346 3.75 10.33 -2.94
CA PRO A 346 3.49 11.48 -3.83
C PRO A 346 2.02 11.82 -3.92
N TYR A 347 1.14 10.83 -3.88
CA TYR A 347 -0.29 11.14 -3.84
C TYR A 347 -0.65 11.94 -2.60
N TYR A 348 -0.23 11.47 -1.42
CA TYR A 348 -0.53 12.22 -0.20
C TYR A 348 0.09 13.61 -0.25
N ALA A 349 1.33 13.71 -0.74
CA ALA A 349 1.99 15.03 -0.78
C ALA A 349 1.19 16.03 -1.60
N ALA A 350 0.63 15.61 -2.73
CA ALA A 350 -0.08 16.50 -3.65
C ALA A 350 -1.54 16.78 -3.24
N ASN A 351 -2.10 16.01 -2.33
CA ASN A 351 -3.53 16.06 -2.05
C ASN A 351 -3.88 16.10 -0.57
N ASP A 352 -3.03 15.57 0.30
CA ASP A 352 -3.33 15.45 1.71
C ASP A 352 -2.00 15.52 2.46
N PRO A 353 -1.26 16.62 2.30
CA PRO A 353 0.18 16.60 2.66
C PRO A 353 0.48 16.28 4.11
N GLU A 354 -0.41 16.58 5.06
CA GLU A 354 -0.09 16.23 6.45
C GLU A 354 -0.06 14.72 6.66
N THR A 355 -0.85 13.96 5.90
CA THR A 355 -0.75 12.51 5.97
C THR A 355 0.58 12.00 5.43
N ALA A 356 1.10 12.61 4.34
CA ALA A 356 2.43 12.25 3.86
C ALA A 356 3.48 12.45 4.96
N ARG A 357 3.36 13.57 5.69
CA ARG A 357 4.32 13.84 6.75
C ARG A 357 4.26 12.77 7.84
N ASP A 358 3.04 12.35 8.24
CA ASP A 358 2.90 11.32 9.26
C ASP A 358 3.61 10.02 8.86
N ILE A 359 3.42 9.60 7.61
CA ILE A 359 3.96 8.34 7.11
C ILE A 359 5.48 8.39 7.02
N LEU A 360 6.01 9.54 6.62
CA LEU A 360 7.47 9.69 6.56
C LEU A 360 8.11 9.66 7.94
N ARG A 361 7.37 10.10 8.99
CA ARG A 361 7.89 9.98 10.36
C ARG A 361 8.25 8.54 10.71
N TYR A 362 7.53 7.57 10.13
CA TYR A 362 7.78 6.16 10.41
C TYR A 362 9.22 5.78 10.09
N ARG A 363 9.71 6.21 8.94
CA ARG A 363 11.09 5.88 8.54
C ARG A 363 12.11 6.71 9.34
N ILE A 364 11.80 7.98 9.61
CA ILE A 364 12.75 8.82 10.33
C ILE A 364 12.95 8.30 11.74
N LYS A 365 11.88 7.80 12.36
CA LYS A 365 11.99 7.20 13.67
C LYS A 365 12.85 5.94 13.65
N ARG A 366 12.99 5.31 12.48
CA ARG A 366 13.73 4.07 12.33
C ARG A 366 15.09 4.27 11.66
N ILE A 367 15.60 5.49 11.68
CA ILE A 367 16.96 5.74 11.17
C ILE A 367 17.96 4.96 12.00
N ASP A 368 17.82 5.00 13.32
CA ASP A 368 18.77 4.30 14.19
C ASP A 368 18.71 2.79 13.95
N ALA A 369 17.51 2.24 13.76
CA ALA A 369 17.40 0.83 13.40
C ALA A 369 18.07 0.52 12.08
N ALA A 370 18.04 1.46 11.13
CA ALA A 370 18.74 1.25 9.85
C ALA A 370 20.26 1.33 10.02
N LYS A 371 20.74 2.12 10.97
CA LYS A 371 22.19 2.14 11.21
C LYS A 371 22.66 0.84 11.86
N LYS A 372 21.85 0.29 12.76
CA LYS A 372 22.11 -1.04 13.30
C LYS A 372 22.08 -2.08 12.18
N ASN A 373 21.09 -1.97 11.29
CA ASN A 373 20.99 -2.91 10.17
C ASN A 373 22.27 -2.89 9.34
N ALA A 374 22.75 -1.69 9.00
CA ALA A 374 24.01 -1.55 8.27
C ALA A 374 25.15 -2.29 8.98
N ILE A 375 25.33 -2.01 10.27
CA ILE A 375 26.44 -2.58 11.01
C ILE A 375 26.38 -4.11 11.00
N LEU A 376 25.18 -4.67 11.19
CA LEU A 376 25.00 -6.13 11.17
C LEU A 376 25.43 -6.75 9.84
N ASP A 377 25.33 -6.01 8.74
CA ASP A 377 25.74 -6.53 7.43
C ASP A 377 27.12 -6.03 7.02
N GLY A 378 27.87 -5.44 7.95
CA GLY A 378 29.20 -4.99 7.60
C GLY A 378 29.24 -3.73 6.75
N GLU A 379 28.16 -2.95 6.76
CA GLU A 379 28.05 -1.70 6.04
C GLU A 379 28.15 -0.53 7.01
N ALA A 380 28.08 0.67 6.46
CA ALA A 380 28.10 1.89 7.26
C ALA A 380 26.83 2.69 6.98
N GLY A 381 26.70 3.81 7.69
CA GLY A 381 25.56 4.69 7.54
C GLY A 381 24.26 4.00 7.91
N ALA A 382 23.19 4.44 7.26
CA ALA A 382 21.85 3.89 7.47
C ALA A 382 21.47 3.05 6.25
N MET A 383 21.20 1.78 6.48
CA MET A 383 20.75 0.82 5.47
C MET A 383 19.33 0.38 5.81
N PHE A 384 18.34 0.96 5.15
CA PHE A 384 16.98 0.58 5.49
C PHE A 384 16.67 -0.82 4.98
N PRO A 385 15.89 -1.58 5.73
CA PRO A 385 15.62 -2.98 5.35
C PRO A 385 14.65 -3.05 4.17
N TRP A 386 14.69 -4.20 3.50
CA TRP A 386 13.74 -4.46 2.42
C TRP A 386 12.32 -4.59 2.97
N GLN A 387 12.16 -5.27 4.11
CA GLN A 387 10.85 -5.42 4.77
C GLN A 387 10.96 -4.82 6.17
N SER A 388 10.10 -3.85 6.46
CA SER A 388 10.14 -3.17 7.75
C SER A 388 8.83 -3.40 8.52
N GLY A 389 8.95 -3.49 9.83
CA GLY A 389 7.78 -3.62 10.67
C GLY A 389 7.88 -2.78 11.92
N MET A 390 7.82 -3.47 13.07
CA MET A 390 7.72 -2.79 14.34
C MET A 390 9.02 -2.06 14.67
N TYR A 391 10.15 -2.75 14.62
CA TYR A 391 11.41 -2.21 15.13
C TYR A 391 12.29 -1.57 14.05
N GLY A 392 12.00 -1.78 12.78
CA GLY A 392 12.87 -1.24 11.75
C GLY A 392 14.07 -2.10 11.43
N ASP A 393 14.19 -3.28 12.05
CA ASP A 393 15.18 -4.26 11.64
C ASP A 393 14.67 -5.03 10.42
N GLU A 394 15.59 -5.74 9.76
CA GLU A 394 15.22 -6.45 8.55
C GLU A 394 14.26 -7.59 8.85
N GLN A 395 13.12 -7.61 8.16
CA GLN A 395 12.13 -8.67 8.38
C GLN A 395 11.95 -9.56 7.16
N SER A 396 12.75 -9.38 6.09
CA SER A 396 12.88 -10.43 5.10
C SER A 396 13.61 -11.62 5.73
N GLN A 397 13.35 -12.81 5.19
CA GLN A 397 14.08 -13.98 5.65
C GLN A 397 15.50 -13.97 5.08
N PHE A 398 16.45 -14.46 5.87
CA PHE A 398 17.84 -14.51 5.47
C PHE A 398 18.19 -15.84 4.80
N ILE A 399 17.45 -16.90 5.13
CA ILE A 399 17.63 -18.21 4.53
C ILE A 399 16.27 -18.75 4.10
N HIS A 400 16.31 -19.68 3.14
CA HIS A 400 15.12 -20.19 2.48
C HIS A 400 15.23 -21.69 2.32
N LEU A 401 14.16 -22.41 2.65
CA LEU A 401 14.18 -23.86 2.54
C LEU A 401 13.86 -24.25 1.10
N ASN A 402 14.78 -25.01 0.48
CA ASN A 402 14.62 -25.44 -0.89
C ASN A 402 13.65 -26.62 -0.94
N THR A 403 12.55 -26.47 -1.68
CA THR A 403 11.51 -27.49 -1.69
C THR A 403 11.96 -28.79 -2.36
N VAL A 404 12.85 -28.69 -3.36
CA VAL A 404 13.35 -29.87 -4.07
C VAL A 404 14.20 -30.71 -3.11
N ASN A 405 15.35 -30.17 -2.71
CA ASN A 405 16.21 -30.80 -1.73
C ASN A 405 16.06 -30.09 -0.38
N ASN A 406 15.63 -30.85 0.64
CA ASN A 406 15.34 -30.27 1.95
C ASN A 406 16.59 -29.69 2.61
N GLU A 407 17.11 -28.58 2.05
CA GLU A 407 18.28 -27.93 2.60
C GLU A 407 18.15 -26.43 2.45
N TRP A 408 18.77 -25.71 3.39
CA TRP A 408 18.65 -24.27 3.49
C TRP A 408 19.64 -23.59 2.54
N GLU A 409 19.12 -22.72 1.67
CA GLU A 409 19.87 -21.84 0.81
C GLU A 409 19.75 -20.41 1.28
N PRO A 410 20.67 -19.54 0.87
CA PRO A 410 20.51 -18.10 1.16
C PRO A 410 19.24 -17.54 0.54
N ASP A 411 18.59 -16.64 1.27
CA ASP A 411 17.58 -15.75 0.71
C ASP A 411 18.22 -14.39 0.45
N ASN A 412 18.17 -13.95 -0.81
CA ASN A 412 18.82 -12.73 -1.25
C ASN A 412 17.89 -11.52 -1.33
N SER A 413 16.63 -11.64 -0.89
CA SER A 413 15.68 -10.58 -1.15
C SER A 413 16.10 -9.26 -0.52
N ARG A 414 16.82 -9.30 0.61
CA ARG A 414 17.13 -8.05 1.27
C ARG A 414 18.13 -7.20 0.49
N LEU A 415 18.80 -7.79 -0.50
CA LEU A 415 19.82 -7.08 -1.27
C LEU A 415 19.24 -6.04 -2.23
N GLN A 416 17.92 -5.86 -2.27
CA GLN A 416 17.33 -4.70 -2.96
C GLN A 416 17.56 -3.47 -2.08
N ARG A 417 18.83 -3.05 -2.01
CA ARG A 417 19.23 -1.94 -1.16
C ARG A 417 18.62 -0.61 -1.62
N HIS A 418 18.06 -0.56 -2.82
CA HIS A 418 17.53 0.70 -3.37
C HIS A 418 16.35 1.23 -2.55
N VAL A 419 15.77 0.43 -1.66
CA VAL A 419 14.69 0.92 -0.80
C VAL A 419 15.14 2.17 -0.04
N SER A 420 16.42 2.28 0.30
CA SER A 420 16.88 3.47 1.01
C SER A 420 16.76 4.70 0.12
N LEU A 421 16.95 4.55 -1.19
CA LEU A 421 16.80 5.68 -2.11
C LEU A 421 15.34 6.02 -2.34
N THR A 422 14.45 5.04 -2.24
CA THR A 422 13.02 5.34 -2.25
C THR A 422 12.65 6.26 -1.11
N ILE A 423 13.21 6.01 0.08
CA ILE A 423 12.83 6.81 1.24
C ILE A 423 13.34 8.23 1.11
N ALA A 424 14.60 8.40 0.69
CA ALA A 424 15.11 9.75 0.41
C ALA A 424 14.27 10.42 -0.66
N TYR A 425 13.92 9.68 -1.71
CA TYR A 425 13.08 10.22 -2.77
C TYR A 425 11.73 10.70 -2.24
N ASN A 426 11.09 9.92 -1.35
CA ASN A 426 9.78 10.32 -0.86
C ASN A 426 9.86 11.60 -0.02
N ILE A 427 10.95 11.77 0.74
CA ILE A 427 11.15 13.00 1.51
C ILE A 427 11.40 14.18 0.58
N TRP A 428 12.14 13.93 -0.51
CA TRP A 428 12.35 14.97 -1.52
C TRP A 428 11.02 15.42 -2.13
N VAL A 429 10.22 14.47 -2.61
CA VAL A 429 8.92 14.80 -3.20
C VAL A 429 8.07 15.58 -2.20
N TYR A 430 8.00 15.10 -0.97
CA TYR A 430 7.26 15.81 0.07
C TYR A 430 7.74 17.25 0.17
N THR A 431 9.05 17.44 0.33
CA THR A 431 9.61 18.78 0.51
C THR A 431 9.33 19.65 -0.70
N GLN A 432 9.51 19.10 -1.90
CA GLN A 432 9.34 19.88 -3.12
C GLN A 432 7.89 20.37 -3.24
N ILE A 433 6.93 19.49 -2.95
CA ILE A 433 5.53 19.78 -3.23
C ILE A 433 4.92 20.66 -2.13
N THR A 434 5.29 20.42 -0.87
CA THR A 434 4.69 21.16 0.23
C THR A 434 5.48 22.39 0.63
N GLY A 435 6.78 22.42 0.36
CA GLY A 435 7.63 23.46 0.92
C GLY A 435 7.86 23.35 2.41
N ASP A 436 7.44 22.26 3.04
CA ASP A 436 7.57 22.12 4.50
C ASP A 436 8.96 21.56 4.79
N THR A 437 9.91 22.47 5.02
CA THR A 437 11.27 22.02 5.30
C THR A 437 11.46 21.62 6.76
N SER A 438 10.41 21.68 7.57
CA SER A 438 10.53 21.23 8.96
C SER A 438 10.78 19.73 9.05
N LEU A 439 10.32 18.96 8.05
CA LEU A 439 10.57 17.51 8.08
C LEU A 439 12.05 17.21 7.84
N LEU A 440 12.68 17.92 6.89
CA LEU A 440 14.14 17.83 6.75
C LEU A 440 14.83 18.13 8.08
N ARG A 441 14.42 19.22 8.73
CA ARG A 441 15.06 19.61 9.99
C ARG A 441 14.83 18.56 11.08
N GLU A 442 13.64 17.96 11.12
CA GLU A 442 13.31 17.00 12.17
C GLU A 442 13.60 15.55 11.78
N GLY A 443 14.75 15.30 11.17
CA GLY A 443 15.21 13.96 10.87
C GLY A 443 15.38 13.66 9.40
N GLY A 444 14.66 14.37 8.52
CA GLY A 444 14.73 14.06 7.09
C GLY A 444 16.12 14.25 6.52
N LEU A 445 16.79 15.35 6.88
CA LEU A 445 18.14 15.58 6.38
C LEU A 445 19.12 14.58 6.97
N GLU A 446 18.99 14.28 8.26
CA GLU A 446 19.80 13.23 8.87
C GLU A 446 19.64 11.91 8.12
N LEU A 447 18.41 11.58 7.73
CA LEU A 447 18.18 10.36 6.96
C LEU A 447 18.95 10.39 5.64
N LEU A 448 18.88 11.50 4.91
CA LEU A 448 19.63 11.61 3.66
C LEU A 448 21.12 11.45 3.88
N LEU A 449 21.66 12.12 4.92
CA LEU A 449 23.11 12.08 5.14
C LEU A 449 23.55 10.69 5.57
N GLU A 450 22.78 10.02 6.44
CA GLU A 450 23.17 8.69 6.89
C GLU A 450 23.02 7.65 5.78
N THR A 451 21.94 7.71 5.01
CA THR A 451 21.84 6.78 3.87
C THR A 451 22.91 7.05 2.82
N THR A 452 23.27 8.33 2.61
CA THR A 452 24.37 8.64 1.70
C THR A 452 25.68 8.03 2.18
N LYS A 453 25.94 8.08 3.50
CA LYS A 453 27.11 7.41 4.05
C LYS A 453 27.13 5.94 3.68
N PHE A 454 25.97 5.29 3.72
CA PHE A 454 25.90 3.89 3.33
C PHE A 454 26.32 3.68 1.87
N TRP A 455 25.72 4.44 0.95
CA TRP A 455 26.06 4.27 -0.45
C TRP A 455 27.51 4.64 -0.73
N LEU A 456 27.97 5.75 -0.14
CA LEU A 456 29.30 6.25 -0.43
C LEU A 456 30.36 5.29 0.10
N ASN A 457 30.11 4.70 1.27
CA ASN A 457 31.04 3.69 1.78
C ASN A 457 31.01 2.41 0.94
N LYS A 458 29.88 2.11 0.33
CA LYS A 458 29.79 0.92 -0.51
C LYS A 458 30.40 1.11 -1.90
N ALA A 459 30.45 2.34 -2.41
CA ALA A 459 31.02 2.60 -3.73
C ALA A 459 32.48 2.17 -3.78
N GLU A 460 32.87 1.53 -4.89
CA GLU A 460 34.25 1.09 -5.15
C GLU A 460 34.77 1.81 -6.39
N GLU A 461 35.88 2.52 -6.23
CA GLU A 461 36.50 3.22 -7.35
C GLU A 461 37.47 2.29 -8.07
N ASP A 462 37.41 2.28 -9.40
CA ASP A 462 38.35 1.49 -10.16
C ASP A 462 39.50 2.37 -10.67
N ALA A 463 40.42 1.73 -11.39
CA ALA A 463 41.62 2.39 -11.91
C ALA A 463 41.30 3.61 -12.76
N ASP A 464 40.16 3.61 -13.45
CA ASP A 464 39.85 4.67 -14.40
C ASP A 464 38.97 5.77 -13.81
N GLY A 465 38.75 5.77 -12.50
CA GLY A 465 37.93 6.79 -11.86
C GLY A 465 36.44 6.53 -11.84
N ARG A 466 35.99 5.36 -12.28
CA ARG A 466 34.57 5.01 -12.23
C ARG A 466 34.24 4.38 -10.90
N TYR A 467 33.05 4.67 -10.38
CA TYR A 467 32.59 4.12 -9.11
C TYR A 467 31.53 3.07 -9.35
N HIS A 468 31.60 1.99 -8.58
CA HIS A 468 30.72 0.84 -8.74
C HIS A 468 30.01 0.51 -7.44
N ILE A 469 28.76 0.07 -7.57
CA ILE A 469 27.91 -0.35 -6.47
C ILE A 469 27.57 -1.81 -6.76
N ALA A 470 28.17 -2.73 -6.01
CA ALA A 470 28.01 -4.15 -6.27
C ALA A 470 27.28 -4.82 -5.11
N GLY A 471 26.88 -6.07 -5.33
CA GLY A 471 26.20 -6.82 -4.31
C GLY A 471 24.76 -6.44 -4.05
N VAL A 472 24.05 -5.91 -5.06
CA VAL A 472 22.71 -5.37 -4.86
C VAL A 472 21.76 -6.01 -5.86
N MET A 473 20.46 -5.85 -5.63
CA MET A 473 19.51 -6.10 -6.69
C MET A 473 18.66 -4.87 -6.94
N GLY A 474 18.16 -4.79 -8.17
CA GLY A 474 17.24 -3.75 -8.55
C GLY A 474 15.81 -4.25 -8.43
N PRO A 475 14.86 -3.42 -8.84
CA PRO A 475 13.43 -3.82 -8.74
C PRO A 475 13.09 -5.10 -9.49
N ASP A 476 13.83 -5.47 -10.54
CA ASP A 476 13.58 -6.74 -11.20
C ASP A 476 14.03 -7.89 -10.30
N GLU A 477 13.11 -8.43 -9.50
CA GLU A 477 13.43 -9.47 -8.53
C GLU A 477 13.95 -10.76 -9.15
N TYR A 478 13.81 -10.94 -10.46
CA TYR A 478 14.26 -12.20 -11.07
C TYR A 478 15.78 -12.36 -11.05
N HIS A 479 16.55 -11.27 -10.92
CA HIS A 479 18.00 -11.37 -11.01
C HIS A 479 18.62 -11.12 -9.64
N GLU A 480 18.96 -12.21 -8.95
CA GLU A 480 19.54 -12.14 -7.62
C GLU A 480 21.04 -12.35 -7.59
N ALA A 481 21.65 -12.84 -8.66
CA ALA A 481 23.07 -13.17 -8.65
C ALA A 481 23.54 -13.31 -10.09
N TYR A 482 24.86 -13.28 -10.26
CA TYR A 482 25.46 -13.60 -11.55
C TYR A 482 25.42 -15.11 -11.80
N PRO A 483 25.41 -15.54 -13.06
CA PRO A 483 25.46 -16.98 -13.33
C PRO A 483 26.72 -17.59 -12.73
N GLY A 484 26.58 -18.77 -12.14
CA GLY A 484 27.75 -19.50 -11.70
C GLY A 484 28.38 -19.01 -10.41
N THR A 485 27.60 -18.35 -9.55
CA THR A 485 28.08 -18.04 -8.22
C THR A 485 26.89 -18.03 -7.29
N GLU A 486 27.13 -18.41 -6.03
CA GLU A 486 26.12 -18.28 -4.99
C GLU A 486 26.22 -16.98 -4.21
N ALA A 487 27.24 -16.16 -4.47
CA ALA A 487 27.27 -14.82 -3.89
C ALA A 487 26.07 -14.03 -4.39
N GLY A 488 25.38 -13.34 -3.49
CA GLY A 488 24.16 -12.65 -3.85
C GLY A 488 24.44 -11.28 -4.43
N GLY A 489 23.57 -10.85 -5.33
CA GLY A 489 23.62 -9.48 -5.83
C GLY A 489 24.40 -9.36 -7.12
N ILE A 490 24.15 -8.26 -7.82
CA ILE A 490 24.84 -7.97 -9.08
C ILE A 490 25.47 -6.58 -8.96
N LYS A 491 26.13 -6.14 -10.04
CA LYS A 491 26.94 -4.93 -9.99
C LYS A 491 26.37 -3.86 -10.91
N ASP A 492 26.34 -2.62 -10.42
CA ASP A 492 25.99 -1.44 -11.22
C ASP A 492 24.60 -1.55 -11.85
N ASN A 493 23.63 -1.91 -11.02
CA ASN A 493 22.23 -1.78 -11.41
C ASN A 493 21.93 -0.34 -11.81
N ALA A 494 21.49 -0.14 -13.06
CA ALA A 494 21.36 1.22 -13.58
C ALA A 494 20.37 2.03 -12.76
N TYR A 495 19.25 1.43 -12.36
CA TYR A 495 18.27 2.11 -11.54
C TYR A 495 18.89 2.60 -10.23
N THR A 496 19.63 1.72 -9.56
CA THR A 496 20.25 2.10 -8.28
C THR A 496 21.26 3.21 -8.46
N ASN A 497 22.15 3.07 -9.45
CA ASN A 497 23.19 4.08 -9.67
C ASN A 497 22.61 5.43 -10.08
N LEU A 498 21.54 5.42 -10.89
CA LEU A 498 20.91 6.68 -11.31
C LEU A 498 20.17 7.36 -10.15
N MET A 499 19.42 6.60 -9.36
CA MET A 499 18.76 7.17 -8.19
C MET A 499 19.78 7.65 -7.16
N LEU A 500 20.91 6.93 -7.04
CA LEU A 500 21.97 7.42 -6.17
C LEU A 500 22.54 8.73 -6.69
N THR A 501 22.74 8.83 -8.01
CA THR A 501 23.20 10.09 -8.58
C THR A 501 22.21 11.21 -8.27
N TRP A 502 20.91 10.94 -8.43
CA TRP A 502 19.89 11.94 -8.08
C TRP A 502 20.02 12.40 -6.62
N SER A 503 20.18 11.45 -5.70
CA SER A 503 20.21 11.80 -4.28
C SER A 503 21.44 12.60 -3.91
N LEU A 504 22.57 12.34 -4.58
CA LEU A 504 23.78 13.12 -4.34
C LEU A 504 23.59 14.54 -4.85
N ASN A 505 22.98 14.69 -6.03
CA ASN A 505 22.63 16.02 -6.51
C ASN A 505 21.77 16.76 -5.51
N TRP A 506 20.79 16.08 -4.91
CA TRP A 506 19.91 16.75 -3.96
C TRP A 506 20.67 17.14 -2.70
N LEU A 507 21.52 16.24 -2.20
CA LEU A 507 22.36 16.57 -1.07
C LEU A 507 23.19 17.84 -1.34
N LEU A 508 23.84 17.88 -2.49
CA LEU A 508 24.69 19.04 -2.79
C LEU A 508 23.87 20.31 -2.98
N GLU A 509 22.63 20.19 -3.47
CA GLU A 509 21.76 21.38 -3.54
C GLU A 509 21.34 21.86 -2.16
N LEU A 510 21.07 20.93 -1.23
CA LEU A 510 20.66 21.33 0.12
C LEU A 510 21.80 22.00 0.88
N ALA A 511 23.04 21.58 0.63
CA ALA A 511 24.18 22.25 1.24
C ALA A 511 24.24 23.72 0.85
N GLU A 512 23.68 24.09 -0.30
CA GLU A 512 23.65 25.49 -0.74
C GLU A 512 22.35 26.21 -0.41
N THR A 513 21.21 25.53 -0.53
CA THR A 513 19.94 26.19 -0.30
C THR A 513 19.47 26.13 1.14
N GLN A 514 20.03 25.23 1.96
CA GLN A 514 19.66 25.09 3.36
C GLN A 514 20.92 25.01 4.22
N THR A 515 21.80 26.01 4.05
CA THR A 515 23.16 25.92 4.58
C THR A 515 23.18 25.76 6.10
N GLU A 516 22.34 26.50 6.82
CA GLU A 516 22.49 26.41 8.27
C GLU A 516 21.99 25.08 8.79
N MET A 517 20.89 24.58 8.22
CA MET A 517 20.41 23.26 8.64
C MET A 517 21.40 22.17 8.23
N PHE A 518 22.00 22.31 7.05
CA PHE A 518 22.95 21.31 6.58
C PHE A 518 24.19 21.27 7.47
N GLU A 519 24.76 22.42 7.80
CA GLU A 519 25.97 22.41 8.63
C GLU A 519 25.68 21.85 10.01
N SER A 520 24.50 22.16 10.56
CA SER A 520 24.10 21.62 11.84
C SER A 520 23.92 20.09 11.77
N VAL A 521 23.17 19.60 10.79
CA VAL A 521 22.98 18.15 10.72
C VAL A 521 24.27 17.45 10.31
N ALA A 522 25.08 18.06 9.44
CA ALA A 522 26.36 17.43 9.07
C ALA A 522 27.29 17.30 10.26
N HIS A 523 27.26 18.28 11.18
CA HIS A 523 28.07 18.19 12.38
C HIS A 523 27.62 17.03 13.27
N GLU A 524 26.31 16.89 13.48
CA GLU A 524 25.78 15.82 14.34
C GLU A 524 26.01 14.43 13.76
N THR A 525 26.05 14.29 12.44
CA THR A 525 26.21 12.99 11.81
C THR A 525 27.63 12.74 11.34
N ASP A 526 28.58 13.63 11.67
CA ASP A 526 29.97 13.51 11.25
C ASP A 526 30.11 13.44 9.72
N PHE A 527 29.28 14.20 9.01
CA PHE A 527 29.38 14.27 7.54
C PHE A 527 30.32 15.43 7.21
N GLY A 528 31.62 15.14 7.31
CA GLY A 528 32.63 16.17 7.14
C GLY A 528 33.04 16.35 5.69
N SER A 529 34.03 17.23 5.50
CA SER A 529 34.44 17.56 4.14
C SER A 529 34.98 16.34 3.39
N ASP A 530 35.45 15.32 4.11
CA ASP A 530 35.86 14.09 3.43
C ASP A 530 34.66 13.36 2.85
N TRP A 531 33.56 13.26 3.60
CA TRP A 531 32.35 12.67 3.04
C TRP A 531 31.78 13.53 1.91
N LEU A 532 31.77 14.86 2.09
CA LEU A 532 31.18 15.74 1.08
C LEU A 532 31.95 15.68 -0.24
N ASN A 533 33.28 15.59 -0.16
CA ASN A 533 34.08 15.48 -1.38
C ASN A 533 33.85 14.14 -2.06
N LEU A 534 33.67 13.07 -1.28
CA LEU A 534 33.36 11.77 -1.87
C LEU A 534 32.02 11.82 -2.59
N ALA A 535 31.05 12.54 -2.01
CA ALA A 535 29.75 12.67 -2.67
C ALA A 535 29.90 13.33 -4.03
N LYS A 536 30.68 14.42 -4.11
CA LYS A 536 30.87 15.11 -5.37
C LYS A 536 31.51 14.20 -6.41
N ASN A 537 32.57 13.47 -6.02
CA ASN A 537 33.26 12.58 -6.95
C ASN A 537 32.34 11.47 -7.44
N VAL A 538 31.59 10.84 -6.53
CA VAL A 538 30.72 9.73 -6.91
C VAL A 538 29.60 10.21 -7.82
N SER A 539 29.07 11.40 -7.55
CA SER A 539 28.00 11.97 -8.36
C SER A 539 28.41 12.19 -9.81
N LYS A 540 29.72 12.18 -10.11
CA LYS A 540 30.22 12.35 -11.48
C LYS A 540 30.76 11.07 -12.08
N GLY A 541 31.00 10.04 -11.27
CA GLY A 541 31.76 8.89 -11.73
C GLY A 541 31.11 7.52 -11.62
N LEU A 542 29.86 7.47 -11.15
CA LEU A 542 29.17 6.18 -11.10
C LEU A 542 29.06 5.57 -12.50
N ALA A 543 29.12 4.24 -12.56
CA ALA A 543 29.26 3.54 -13.83
C ALA A 543 27.90 3.12 -14.40
N LEU A 544 27.76 3.27 -15.71
CA LEU A 544 26.69 2.65 -16.48
C LEU A 544 27.33 1.88 -17.63
N GLU A 545 26.54 0.99 -18.21
CA GLU A 545 26.93 0.24 -19.41
C GLU A 545 25.90 0.51 -20.49
N ILE A 546 26.33 1.12 -21.59
CA ILE A 546 25.40 1.45 -22.67
C ILE A 546 25.88 0.79 -23.95
N SER A 547 24.97 0.10 -24.63
CA SER A 547 25.29 -0.59 -25.87
C SER A 547 25.51 0.41 -27.00
N PRO A 548 26.13 -0.02 -28.11
CA PRO A 548 26.26 0.90 -29.26
C PRO A 548 24.92 1.36 -29.81
N GLU A 549 23.85 0.59 -29.60
CA GLU A 549 22.52 0.98 -30.04
C GLU A 549 21.81 1.91 -29.06
N GLY A 550 22.42 2.23 -27.92
CA GLY A 550 21.85 3.18 -26.98
C GLY A 550 21.02 2.58 -25.87
N ILE A 551 21.12 1.27 -25.66
CA ILE A 551 20.39 0.58 -24.60
C ILE A 551 21.20 0.66 -23.31
N ILE A 552 20.56 1.12 -22.23
CA ILE A 552 21.17 1.09 -20.92
C ILE A 552 21.06 -0.32 -20.36
N ALA A 553 22.21 -0.94 -20.07
CA ALA A 553 22.17 -2.28 -19.49
C ALA A 553 21.55 -2.25 -18.09
N GLN A 554 20.66 -3.20 -17.82
CA GLN A 554 19.98 -3.24 -16.53
C GLN A 554 20.99 -3.33 -15.38
N TYR A 555 22.08 -4.07 -15.57
CA TYR A 555 23.22 -4.06 -14.68
C TYR A 555 24.42 -4.55 -15.48
N ALA A 556 25.61 -4.44 -14.88
CA ALA A 556 26.82 -4.79 -15.61
C ALA A 556 26.83 -6.27 -15.99
N GLY A 557 27.01 -6.56 -17.28
CA GLY A 557 26.98 -7.93 -17.77
C GLY A 557 25.63 -8.43 -18.25
N TYR A 558 24.59 -7.59 -18.19
CA TYR A 558 23.25 -8.04 -18.56
C TYR A 558 23.19 -8.51 -20.00
N PHE A 559 23.89 -7.82 -20.91
CA PHE A 559 23.85 -8.14 -22.33
C PHE A 559 24.48 -9.48 -22.66
N ASP A 560 25.19 -10.10 -21.72
CA ASP A 560 25.75 -11.43 -21.94
C ASP A 560 24.81 -12.54 -21.52
N LEU A 561 23.67 -12.22 -20.91
CA LEU A 561 22.71 -13.24 -20.53
C LEU A 561 21.98 -13.75 -21.76
N GLU A 562 21.36 -14.92 -21.61
CA GLU A 562 20.74 -15.65 -22.70
C GLU A 562 19.29 -15.20 -22.93
N ALA A 563 18.81 -15.37 -24.16
CA ALA A 563 17.44 -15.02 -24.53
C ALA A 563 16.46 -16.10 -24.10
N VAL A 564 15.24 -15.67 -23.76
CA VAL A 564 14.13 -16.57 -23.41
C VAL A 564 13.19 -16.58 -24.60
N ASP A 565 12.77 -17.77 -25.03
CA ASP A 565 11.71 -17.91 -26.03
C ASP A 565 10.38 -17.76 -25.32
N PHE A 566 9.91 -16.51 -25.20
CA PHE A 566 8.69 -16.24 -24.43
C PHE A 566 7.46 -16.87 -25.07
N ALA A 567 7.35 -16.79 -26.40
CA ALA A 567 6.19 -17.36 -27.08
C ALA A 567 6.08 -18.86 -26.83
N ALA A 568 7.23 -19.54 -26.78
CA ALA A 568 7.23 -20.97 -26.49
C ALA A 568 6.71 -21.26 -25.09
N TYR A 569 7.18 -20.51 -24.10
CA TYR A 569 6.66 -20.68 -22.74
C TYR A 569 5.18 -20.33 -22.66
N GLU A 570 4.75 -19.28 -23.38
CA GLU A 570 3.34 -18.92 -23.40
C GLU A 570 2.48 -20.04 -23.97
N ALA A 571 2.96 -20.70 -25.03
CA ALA A 571 2.18 -21.79 -25.64
C ALA A 571 2.13 -23.01 -24.74
N LYS A 572 3.27 -23.35 -24.11
CA LYS A 572 3.30 -24.54 -23.26
C LYS A 572 2.51 -24.35 -21.98
N TYR A 573 2.72 -23.22 -21.29
CA TYR A 573 2.18 -23.05 -19.96
C TYR A 573 1.01 -22.07 -19.89
N GLY A 574 0.74 -21.32 -20.94
CA GLY A 574 -0.33 -20.35 -20.92
C GLY A 574 0.12 -18.98 -20.46
N ASP A 575 0.21 -18.81 -19.16
CA ASP A 575 0.51 -17.53 -18.52
C ASP A 575 1.95 -17.53 -18.00
N ILE A 576 2.73 -16.52 -18.40
CA ILE A 576 4.14 -16.48 -18.06
C ILE A 576 4.45 -15.34 -17.09
N HIS A 577 3.45 -14.80 -16.40
CA HIS A 577 3.80 -13.75 -15.45
C HIS A 577 4.50 -14.30 -14.21
N ARG A 578 4.56 -15.63 -14.04
CA ARG A 578 5.47 -16.22 -13.06
C ARG A 578 6.52 -17.09 -13.76
N ILE A 579 7.12 -16.59 -14.84
CA ILE A 579 8.07 -17.38 -15.61
C ILE A 579 9.29 -17.76 -14.77
N ASP A 580 9.60 -17.00 -13.72
CA ASP A 580 10.72 -17.39 -12.87
C ASP A 580 10.46 -18.74 -12.22
N ARG A 581 9.22 -18.99 -11.80
CA ARG A 581 8.90 -20.28 -11.21
C ARG A 581 8.78 -21.36 -12.27
N LEU A 582 8.38 -21.00 -13.49
CA LEU A 582 8.36 -21.97 -14.57
C LEU A 582 9.79 -22.41 -14.91
N LEU A 583 10.70 -21.45 -15.05
CA LEU A 583 12.10 -21.78 -15.29
C LEU A 583 12.67 -22.64 -14.16
N LYS A 584 12.37 -22.30 -12.91
CA LYS A 584 12.91 -23.06 -11.79
C LYS A 584 12.36 -24.49 -11.75
N ALA A 585 11.08 -24.65 -12.10
CA ALA A 585 10.50 -25.99 -12.20
C ALA A 585 11.23 -26.83 -13.24
N GLU A 586 11.77 -26.21 -14.28
CA GLU A 586 12.53 -26.91 -15.30
C GLU A 586 14.00 -27.08 -14.95
N GLY A 587 14.42 -26.70 -13.74
CA GLY A 587 15.82 -26.77 -13.37
C GLY A 587 16.68 -25.64 -13.88
N LEU A 588 16.08 -24.56 -14.39
CA LEU A 588 16.82 -23.44 -14.94
C LEU A 588 16.85 -22.29 -13.94
N SER A 589 17.78 -21.36 -14.14
CA SER A 589 17.86 -20.23 -13.22
C SER A 589 17.50 -18.95 -13.95
N PRO A 590 16.52 -18.18 -13.45
CA PRO A 590 16.24 -16.87 -14.08
C PRO A 590 17.46 -15.98 -14.18
N ASP A 591 18.43 -16.12 -13.26
CA ASP A 591 19.67 -15.35 -13.31
C ASP A 591 20.37 -15.43 -14.67
N ASP A 592 20.15 -16.51 -15.42
CA ASP A 592 20.90 -16.74 -16.64
C ASP A 592 20.27 -16.07 -17.87
N TYR A 593 19.13 -15.40 -17.74
CA TYR A 593 18.33 -15.01 -18.90
C TYR A 593 17.96 -13.52 -18.87
N GLN A 594 17.77 -12.95 -20.05
CA GLN A 594 17.25 -11.59 -20.19
C GLN A 594 15.73 -11.66 -20.05
N VAL A 595 15.26 -11.59 -18.82
CA VAL A 595 13.83 -11.59 -18.50
C VAL A 595 13.64 -10.73 -17.27
N ALA A 596 12.59 -9.91 -17.27
CA ALA A 596 12.35 -8.98 -16.17
C ALA A 596 10.98 -9.20 -15.55
N LYS A 597 10.91 -9.14 -14.23
CA LYS A 597 9.61 -9.23 -13.57
C LYS A 597 8.80 -7.95 -13.80
N GLN A 598 9.46 -6.80 -13.87
CA GLN A 598 8.82 -5.49 -13.81
C GLN A 598 9.84 -4.44 -14.24
N ALA A 599 9.42 -3.17 -14.24
CA ALA A 599 10.33 -2.10 -14.62
C ALA A 599 11.50 -2.01 -13.64
N ASP A 600 12.70 -1.89 -14.18
CA ASP A 600 13.92 -1.80 -13.38
C ASP A 600 14.68 -0.56 -13.87
N THR A 601 15.38 -0.69 -15.00
CA THR A 601 15.97 0.51 -15.60
C THR A 601 14.90 1.58 -15.85
N LEU A 602 13.71 1.18 -16.29
CA LEU A 602 12.66 2.14 -16.62
C LEU A 602 11.94 2.68 -15.38
N MET A 603 12.06 2.01 -14.24
CA MET A 603 11.59 2.61 -12.99
C MET A 603 12.10 4.00 -12.75
N THR A 604 13.34 4.29 -13.19
CA THR A 604 13.89 5.63 -13.06
C THR A 604 12.98 6.69 -13.67
N ILE A 605 12.33 6.36 -14.79
CA ILE A 605 11.45 7.29 -15.49
C ILE A 605 10.17 7.53 -14.72
N TYR A 606 9.60 6.48 -14.13
CA TYR A 606 8.47 6.68 -13.23
C TYR A 606 8.82 7.68 -12.13
N ASN A 607 10.01 7.53 -11.54
CA ASN A 607 10.38 8.36 -10.39
C ASN A 607 10.70 9.79 -10.80
N LEU A 608 11.43 9.96 -11.90
CA LEU A 608 12.05 11.25 -12.22
C LEU A 608 11.65 11.81 -13.56
N GLY A 609 11.08 11.01 -14.44
CA GLY A 609 10.78 11.45 -15.79
C GLY A 609 11.97 11.32 -16.71
N ASN A 610 11.69 11.33 -18.01
CA ASN A 610 12.75 11.06 -18.98
C ASN A 610 13.76 12.20 -19.09
N ARG A 611 13.32 13.46 -18.97
CA ARG A 611 14.29 14.56 -19.07
C ARG A 611 15.28 14.51 -17.91
N HIS A 612 14.78 14.35 -16.69
CA HIS A 612 15.67 14.28 -15.55
C HIS A 612 16.60 13.08 -15.67
N MET A 613 16.07 11.92 -16.07
CA MET A 613 16.94 10.76 -16.23
C MET A 613 18.02 11.01 -17.26
N ALA A 614 17.68 11.66 -18.38
CA ALA A 614 18.69 11.99 -19.38
C ALA A 614 19.77 12.90 -18.79
N LYS A 615 19.40 13.88 -17.95
CA LYS A 615 20.43 14.74 -17.37
C LYS A 615 21.38 13.96 -16.47
N LEU A 616 20.86 12.97 -15.75
CA LEU A 616 21.71 12.18 -14.86
C LEU A 616 22.70 11.34 -15.64
N VAL A 617 22.25 10.70 -16.72
CA VAL A 617 23.17 9.93 -17.58
C VAL A 617 24.24 10.84 -18.16
N ALA A 618 23.84 12.02 -18.63
CA ALA A 618 24.80 12.97 -19.16
C ALA A 618 25.77 13.44 -18.08
N GLN A 619 25.27 13.61 -16.85
CA GLN A 619 26.12 14.05 -15.76
C GLN A 619 27.23 13.04 -15.48
N LEU A 620 26.90 11.75 -15.64
CA LEU A 620 27.87 10.68 -15.46
C LEU A 620 28.83 10.53 -16.64
N GLY A 621 28.65 11.33 -17.70
CA GLY A 621 29.55 11.28 -18.83
C GLY A 621 29.19 10.30 -19.93
N TYR A 622 27.95 9.82 -19.99
CA TYR A 622 27.54 8.91 -21.05
C TYR A 622 26.71 9.63 -22.10
N ASP A 623 26.78 9.15 -23.33
CA ASP A 623 26.06 9.74 -24.46
C ASP A 623 24.90 8.84 -24.88
N LEU A 624 23.69 9.37 -24.75
CA LEU A 624 22.51 8.66 -25.22
C LEU A 624 22.07 9.20 -26.58
N PRO A 625 21.62 8.32 -27.47
CA PRO A 625 20.95 8.80 -28.69
C PRO A 625 19.68 9.55 -28.33
N GLU A 626 19.25 10.42 -29.25
CA GLU A 626 18.10 11.26 -28.98
C GLU A 626 16.82 10.45 -28.73
N ASN A 627 16.68 9.30 -29.40
CA ASN A 627 15.49 8.47 -29.23
C ASN A 627 15.72 7.34 -28.23
N TRP A 628 16.53 7.59 -27.19
CA TRP A 628 16.87 6.55 -26.23
C TRP A 628 15.63 6.02 -25.50
N LEU A 629 14.62 6.86 -25.30
CA LEU A 629 13.46 6.43 -24.51
C LEU A 629 12.67 5.34 -25.24
N ALA A 630 12.31 5.58 -26.51
CA ALA A 630 11.64 4.54 -27.30
C ALA A 630 12.51 3.29 -27.40
N LEU A 631 13.80 3.45 -27.70
CA LEU A 631 14.69 2.30 -27.83
C LEU A 631 14.74 1.47 -26.56
N ASN A 632 14.89 2.11 -25.40
CA ASN A 632 14.99 1.36 -24.16
C ASN A 632 13.64 0.80 -23.73
N LYS A 633 12.56 1.54 -23.96
CA LYS A 633 11.23 0.99 -23.65
C LYS A 633 10.95 -0.25 -24.48
N ASP A 634 11.26 -0.19 -25.78
CA ASP A 634 11.05 -1.35 -26.65
C ASP A 634 11.88 -2.53 -26.19
N TYR A 635 13.15 -2.28 -25.90
CA TYR A 635 14.06 -3.35 -25.50
C TYR A 635 13.55 -4.06 -24.25
N TYR A 636 13.23 -3.29 -23.20
CA TYR A 636 12.86 -3.95 -21.96
C TYR A 636 11.43 -4.45 -21.97
N LEU A 637 10.51 -3.77 -22.67
CA LEU A 637 9.16 -4.33 -22.75
C LEU A 637 9.18 -5.71 -23.40
N ALA A 638 10.05 -5.91 -24.40
CA ALA A 638 10.19 -7.21 -25.04
C ALA A 638 10.70 -8.29 -24.09
N ARG A 639 11.21 -7.91 -22.92
CA ARG A 639 11.74 -8.88 -21.97
C ARG A 639 10.95 -8.95 -20.66
N THR A 640 9.88 -8.18 -20.51
CA THR A 640 9.21 -8.05 -19.22
C THR A 640 7.91 -8.83 -19.23
N VAL A 641 7.69 -9.66 -18.20
CA VAL A 641 6.49 -10.49 -18.13
C VAL A 641 5.43 -9.93 -17.20
N HIS A 642 5.70 -8.80 -16.53
CA HIS A 642 4.72 -8.17 -15.65
C HIS A 642 4.32 -9.10 -14.51
N GLY A 643 5.33 -9.67 -13.85
CA GLY A 643 5.10 -10.48 -12.67
C GLY A 643 4.64 -9.70 -11.45
N SER A 644 4.64 -8.37 -11.52
CA SER A 644 4.15 -7.51 -10.46
C SER A 644 2.98 -6.67 -11.00
N THR A 645 2.06 -6.33 -10.11
CA THR A 645 0.94 -5.44 -10.46
C THR A 645 1.41 -4.05 -10.82
N THR A 646 2.63 -3.68 -10.43
CA THR A 646 3.12 -2.33 -10.65
C THR A 646 3.95 -2.20 -11.91
N SER A 647 4.02 -3.24 -12.74
CA SER A 647 4.85 -3.19 -13.94
C SER A 647 4.17 -2.39 -15.05
N ARG A 648 2.96 -2.81 -15.43
CA ARG A 648 2.29 -2.18 -16.57
C ARG A 648 2.15 -0.67 -16.47
N PRO A 649 1.80 -0.07 -15.32
CA PRO A 649 1.66 1.39 -15.28
C PRO A 649 2.93 2.17 -15.62
N VAL A 650 4.12 1.62 -15.33
CA VAL A 650 5.37 2.29 -15.70
C VAL A 650 5.48 2.41 -17.21
N PHE A 651 5.23 1.32 -17.92
CA PHE A 651 5.23 1.35 -19.38
C PHE A 651 4.13 2.26 -19.92
N ALA A 652 2.98 2.29 -19.25
CA ALA A 652 1.89 3.14 -19.72
C ALA A 652 2.29 4.61 -19.73
N GLY A 653 2.95 5.07 -18.66
CA GLY A 653 3.38 6.45 -18.62
C GLY A 653 4.38 6.79 -19.71
N ILE A 654 5.35 5.89 -19.95
CA ILE A 654 6.30 6.09 -21.04
C ILE A 654 5.58 6.16 -22.39
N ASP A 655 4.57 5.30 -22.58
CA ASP A 655 3.82 5.31 -23.83
C ASP A 655 3.11 6.63 -24.06
N VAL A 656 2.66 7.29 -22.99
CA VAL A 656 2.11 8.64 -23.14
C VAL A 656 3.16 9.58 -23.70
N THR A 657 4.37 9.56 -23.10
CA THR A 657 5.46 10.41 -23.60
C THR A 657 5.73 10.12 -25.08
N LEU A 658 5.75 8.84 -25.46
CA LEU A 658 6.00 8.38 -26.82
C LEU A 658 4.80 8.55 -27.73
N ASN A 659 3.69 9.07 -27.21
CA ASN A 659 2.47 9.28 -27.99
C ASN A 659 1.88 7.95 -28.50
N ASN A 660 2.14 6.86 -27.76
CA ASN A 660 1.50 5.56 -28.03
C ASN A 660 0.27 5.47 -27.15
N MET A 661 -0.79 6.13 -27.59
CA MET A 661 -1.92 6.39 -26.70
C MET A 661 -2.76 5.13 -26.48
N ASP A 662 -2.97 4.34 -27.54
CA ASP A 662 -3.76 3.12 -27.38
C ASP A 662 -3.09 2.16 -26.41
N GLU A 663 -1.78 1.90 -26.57
CA GLU A 663 -1.15 0.94 -25.66
C GLU A 663 -1.03 1.53 -24.26
N ALA A 664 -0.83 2.85 -24.14
CA ALA A 664 -0.85 3.50 -22.84
C ALA A 664 -2.20 3.31 -22.13
N LEU A 665 -3.30 3.45 -22.86
CA LEU A 665 -4.61 3.32 -22.24
C LEU A 665 -4.93 1.86 -21.91
N ASP A 666 -4.56 0.95 -22.81
CA ASP A 666 -4.70 -0.48 -22.54
C ASP A 666 -3.96 -0.89 -21.28
N TYR A 667 -2.70 -0.47 -21.14
CA TYR A 667 -1.92 -0.87 -19.97
C TYR A 667 -2.49 -0.29 -18.69
N LEU A 668 -2.94 0.98 -18.74
CA LEU A 668 -3.57 1.58 -17.57
C LEU A 668 -4.85 0.84 -17.20
N THR A 669 -5.69 0.58 -18.20
CA THR A 669 -6.98 -0.09 -17.95
C THR A 669 -6.77 -1.48 -17.36
N THR A 670 -5.82 -2.24 -17.92
CA THR A 670 -5.52 -3.55 -17.34
C THR A 670 -5.09 -3.42 -15.89
N ALA A 671 -4.15 -2.52 -15.60
CA ALA A 671 -3.64 -2.40 -14.24
C ALA A 671 -4.70 -1.91 -13.27
N ILE A 672 -5.47 -0.88 -13.66
CA ILE A 672 -6.39 -0.30 -12.69
C ILE A 672 -7.51 -1.29 -12.33
N GLY A 673 -7.81 -2.23 -13.21
CA GLY A 673 -8.84 -3.22 -12.94
C GLY A 673 -8.36 -4.51 -12.31
N SER A 674 -7.10 -4.61 -11.90
CA SER A 674 -6.54 -5.90 -11.50
C SER A 674 -7.27 -6.45 -10.28
N ASP A 675 -7.44 -5.64 -9.24
CA ASP A 675 -8.18 -6.09 -8.08
C ASP A 675 -9.66 -6.30 -8.41
N TYR A 676 -10.25 -5.34 -9.11
CA TYR A 676 -11.71 -5.29 -9.33
C TYR A 676 -12.21 -6.48 -10.13
N TYR A 677 -11.62 -6.71 -11.29
CA TYR A 677 -12.18 -7.73 -12.19
C TYR A 677 -11.90 -9.13 -11.69
N ASP A 678 -10.71 -9.37 -11.15
CA ASP A 678 -10.36 -10.65 -10.56
C ASP A 678 -10.61 -11.79 -11.56
N ILE A 679 -10.02 -11.66 -12.75
CA ILE A 679 -10.21 -12.68 -13.78
C ILE A 679 -9.48 -13.96 -13.39
N GLN A 680 -8.23 -13.82 -12.94
CA GLN A 680 -7.46 -14.97 -12.48
C GLN A 680 -8.12 -15.64 -11.28
N GLY A 681 -8.85 -14.88 -10.46
CA GLY A 681 -9.54 -15.44 -9.32
C GLY A 681 -8.73 -15.31 -8.04
N GLY A 682 -9.31 -14.65 -7.04
CA GLY A 682 -8.67 -14.55 -5.73
C GLY A 682 -7.42 -13.71 -5.67
N THR A 683 -7.24 -12.77 -6.60
CA THR A 683 -6.00 -11.99 -6.62
C THR A 683 -5.90 -11.11 -5.38
N THR A 684 -7.00 -10.56 -4.91
CA THR A 684 -6.98 -9.68 -3.76
C THR A 684 -7.41 -10.40 -2.49
N ALA A 685 -7.38 -11.75 -2.48
CA ALA A 685 -7.81 -12.51 -1.32
C ALA A 685 -7.01 -12.17 -0.08
N GLU A 686 -5.75 -11.79 -0.25
CA GLU A 686 -4.87 -11.51 0.88
C GLU A 686 -4.73 -10.01 1.15
N GLY A 687 -5.58 -9.18 0.53
CA GLY A 687 -5.49 -7.73 0.66
C GLY A 687 -5.53 -7.03 -0.69
N VAL A 688 -6.05 -5.80 -0.69
CA VAL A 688 -5.98 -4.98 -1.91
C VAL A 688 -4.51 -4.67 -2.21
N HIS A 689 -4.25 -4.26 -3.45
CA HIS A 689 -2.90 -3.86 -3.86
C HIS A 689 -2.85 -2.33 -3.83
N ILE A 690 -2.31 -1.79 -2.74
CA ILE A 690 -2.32 -0.33 -2.55
C ILE A 690 -1.39 0.33 -3.56
N GLY A 691 -0.27 -0.31 -3.87
CA GLY A 691 0.70 0.33 -4.75
C GLY A 691 0.13 0.61 -6.13
N VAL A 692 -0.49 -0.40 -6.75
CA VAL A 692 -1.02 -0.19 -8.10
C VAL A 692 -2.13 0.84 -8.07
N MET A 693 -2.79 1.00 -6.93
CA MET A 693 -3.85 1.98 -6.79
C MET A 693 -3.30 3.40 -6.90
N GLY A 694 -2.23 3.71 -6.15
CA GLY A 694 -1.59 5.01 -6.30
C GLY A 694 -0.88 5.16 -7.63
N GLU A 695 -0.30 4.08 -8.14
CA GLU A 695 0.44 4.15 -9.39
C GLU A 695 -0.48 4.41 -10.58
N THR A 696 -1.71 3.89 -10.55
CA THR A 696 -2.60 4.19 -11.68
C THR A 696 -3.17 5.60 -11.60
N LEU A 697 -3.32 6.15 -10.40
CA LEU A 697 -3.68 7.57 -10.29
C LEU A 697 -2.55 8.44 -10.84
N GLU A 698 -1.30 7.99 -10.64
CA GLU A 698 -0.16 8.70 -11.22
C GLU A 698 -0.26 8.75 -12.74
N VAL A 699 -0.64 7.64 -13.37
CA VAL A 699 -0.73 7.61 -14.83
C VAL A 699 -1.82 8.57 -15.29
N ILE A 700 -2.95 8.58 -14.58
CA ILE A 700 -4.06 9.46 -14.92
C ILE A 700 -3.68 10.92 -14.76
N GLN A 701 -3.07 11.27 -13.63
CA GLN A 701 -2.94 12.68 -13.29
C GLN A 701 -1.61 13.26 -13.75
N ASN A 702 -0.53 12.49 -13.66
CA ASN A 702 0.79 13.01 -13.91
C ASN A 702 1.33 12.65 -15.29
N GLU A 703 0.77 11.64 -15.94
CA GLU A 703 1.23 11.28 -17.27
C GLU A 703 0.21 11.74 -18.29
N PHE A 704 -0.95 11.07 -18.37
CA PHE A 704 -2.04 11.55 -19.23
C PHE A 704 -2.41 12.99 -18.87
N GLY A 705 -2.72 13.25 -17.60
CA GLY A 705 -3.05 14.59 -17.14
C GLY A 705 -1.89 15.56 -17.25
N GLY A 706 -0.66 15.05 -17.25
CA GLY A 706 0.48 15.89 -17.57
C GLY A 706 0.87 16.89 -16.50
N VAL A 707 0.40 16.71 -15.28
CA VAL A 707 0.69 17.62 -14.19
C VAL A 707 1.86 17.07 -13.39
N MET A 708 2.93 17.88 -13.28
CA MET A 708 4.04 17.56 -12.40
C MET A 708 4.30 18.71 -11.43
N LEU A 709 4.70 18.33 -10.23
CA LEU A 709 4.90 19.27 -9.13
C LEU A 709 6.29 19.20 -8.49
N ARG A 710 7.05 18.15 -8.76
CA ARG A 710 8.25 17.87 -7.96
C ARG A 710 9.49 18.63 -8.42
N ASP A 711 9.47 19.23 -9.60
CA ASP A 711 10.69 19.76 -10.22
C ASP A 711 10.93 21.24 -9.91
N GLY A 712 10.36 21.76 -8.82
CA GLY A 712 10.58 23.14 -8.44
C GLY A 712 9.53 24.10 -8.95
N LEU A 713 8.53 23.62 -9.65
CA LEU A 713 7.47 24.44 -10.22
C LEU A 713 6.36 23.53 -10.69
N VAL A 714 5.15 24.11 -10.81
CA VAL A 714 4.04 23.36 -11.38
C VAL A 714 4.23 23.36 -12.89
N SER A 715 4.26 22.16 -13.47
CA SER A 715 4.44 21.98 -14.90
C SER A 715 3.23 21.23 -15.45
N ILE A 716 2.58 21.80 -16.47
CA ILE A 716 1.30 21.31 -16.98
C ILE A 716 1.41 21.05 -18.48
N ALA A 717 1.29 19.77 -18.88
CA ALA A 717 1.42 19.40 -20.29
C ALA A 717 0.59 18.15 -20.55
N PRO A 718 -0.74 18.28 -20.51
CA PRO A 718 -1.59 17.09 -20.68
C PRO A 718 -1.51 16.50 -22.08
N ASN A 719 -1.74 15.19 -22.16
CA ASN A 719 -1.78 14.46 -23.43
C ASN A 719 -2.88 13.41 -23.27
N LEU A 720 -4.15 13.83 -23.54
CA LEU A 720 -5.27 12.97 -23.24
C LEU A 720 -5.60 12.07 -24.44
N PRO A 721 -6.06 10.85 -24.17
CA PRO A 721 -6.61 10.03 -25.26
C PRO A 721 -7.87 10.66 -25.82
N THR A 722 -8.13 10.40 -27.11
CA THR A 722 -9.32 10.96 -27.74
C THR A 722 -10.60 10.51 -27.05
N SER A 723 -10.59 9.36 -26.37
CA SER A 723 -11.76 8.86 -25.68
C SER A 723 -11.93 9.39 -24.27
N TRP A 724 -11.04 10.26 -23.80
CA TRP A 724 -11.15 10.89 -22.49
C TRP A 724 -11.75 12.27 -22.72
N HIS A 725 -13.09 12.34 -22.69
CA HIS A 725 -13.77 13.58 -23.08
C HIS A 725 -13.55 14.69 -22.07
N ARG A 726 -13.37 14.33 -20.80
CA ARG A 726 -13.15 15.31 -19.76
C ARG A 726 -12.44 14.64 -18.59
N LEU A 727 -11.43 15.32 -18.08
CA LEU A 727 -10.65 14.90 -16.91
C LEU A 727 -10.52 16.11 -16.00
N ALA A 728 -10.90 15.95 -14.73
CA ALA A 728 -10.90 17.07 -13.80
C ALA A 728 -10.43 16.62 -12.42
N PHE A 729 -9.59 17.44 -11.78
CA PHE A 729 -9.11 17.15 -10.43
C PHE A 729 -8.43 18.39 -9.87
N THR A 730 -8.08 18.32 -8.58
CA THR A 730 -7.31 19.37 -7.92
C THR A 730 -5.95 18.85 -7.46
N GLN A 731 -5.08 19.80 -7.16
CA GLN A 731 -3.77 19.54 -6.57
C GLN A 731 -3.48 20.62 -5.54
N LYS A 732 -2.63 20.30 -4.56
CA LYS A 732 -2.14 21.28 -3.58
C LYS A 732 -0.64 21.44 -3.76
N TYR A 733 -0.20 22.68 -3.97
CA TYR A 733 1.22 22.96 -4.19
C TYR A 733 1.64 24.09 -3.25
N ARG A 734 2.41 23.76 -2.23
CA ARG A 734 2.94 24.74 -1.29
C ARG A 734 1.83 25.61 -0.71
N GLY A 735 0.72 24.97 -0.35
CA GLY A 735 -0.42 25.64 0.25
C GLY A 735 -1.44 26.19 -0.73
N THR A 736 -1.13 26.25 -2.02
CA THR A 736 -2.02 26.80 -3.04
C THR A 736 -2.82 25.68 -3.69
N MET A 737 -4.13 25.85 -3.77
CA MET A 737 -4.95 24.88 -4.48
C MET A 737 -5.01 25.21 -5.96
N LEU A 738 -4.80 24.19 -6.79
CA LEU A 738 -5.02 24.29 -8.22
C LEU A 738 -6.16 23.38 -8.64
N THR A 739 -6.98 23.87 -9.56
CA THR A 739 -8.02 23.06 -10.16
C THR A 739 -7.73 22.93 -11.64
N PHE A 740 -7.96 21.72 -12.16
CA PHE A 740 -7.68 21.38 -13.54
C PHE A 740 -8.94 20.86 -14.22
N GLU A 741 -9.14 21.25 -15.47
CA GLU A 741 -10.11 20.64 -16.35
C GLU A 741 -9.45 20.42 -17.70
N MET A 742 -9.37 19.17 -18.15
CA MET A 742 -8.80 18.87 -19.45
C MET A 742 -9.80 18.17 -20.35
N THR A 743 -9.67 18.43 -21.64
CA THR A 743 -10.31 17.70 -22.72
C THR A 743 -9.19 17.32 -23.66
N PRO A 744 -9.47 16.53 -24.71
CA PRO A 744 -8.36 16.14 -25.60
C PRO A 744 -7.69 17.32 -26.29
N GLU A 745 -8.35 18.48 -26.36
CA GLU A 745 -7.81 19.63 -27.07
C GLU A 745 -7.55 20.86 -26.19
N ALA A 746 -7.76 20.80 -24.88
CA ALA A 746 -7.54 22.00 -24.09
C ALA A 746 -7.39 21.67 -22.61
N VAL A 747 -6.75 22.58 -21.88
CA VAL A 747 -6.62 22.48 -20.43
C VAL A 747 -6.91 23.84 -19.83
N THR A 748 -7.74 23.84 -18.78
CA THR A 748 -8.02 25.02 -17.98
C THR A 748 -7.42 24.82 -16.60
N VAL A 749 -6.71 25.83 -16.11
CA VAL A 749 -6.07 25.73 -14.81
C VAL A 749 -6.39 26.99 -14.03
N MET A 750 -6.68 26.83 -12.74
CA MET A 750 -6.91 27.96 -11.86
C MET A 750 -6.22 27.70 -10.54
N ALA A 751 -5.61 28.74 -9.98
CA ALA A 751 -4.99 28.68 -8.66
C ALA A 751 -5.67 29.70 -7.75
N ASP A 752 -5.78 29.35 -6.47
CA ASP A 752 -6.39 30.26 -5.52
C ASP A 752 -5.40 31.24 -4.92
N ALA A 753 -4.19 31.30 -5.47
CA ALA A 753 -3.16 32.26 -5.08
C ALA A 753 -2.28 32.49 -6.29
N PRO A 754 -1.59 33.63 -6.36
CA PRO A 754 -0.70 33.87 -7.51
C PRO A 754 0.39 32.81 -7.59
N LEU A 755 0.69 32.39 -8.82
CA LEU A 755 1.64 31.29 -8.98
C LEU A 755 2.22 31.36 -10.39
N ASP A 756 3.54 31.22 -10.49
CA ASP A 756 4.20 31.15 -11.79
C ASP A 756 4.38 29.67 -12.13
N VAL A 757 3.72 29.22 -13.20
CA VAL A 757 3.76 27.82 -13.61
C VAL A 757 4.31 27.74 -15.03
N GLU A 758 4.42 26.53 -15.57
CA GLU A 758 4.67 26.35 -16.99
C GLU A 758 3.57 25.49 -17.59
N VAL A 759 3.12 25.89 -18.78
CA VAL A 759 2.13 25.14 -19.53
C VAL A 759 2.78 24.80 -20.86
N TYR A 760 2.93 23.51 -21.14
CA TYR A 760 3.67 23.04 -22.31
C TYR A 760 5.02 23.75 -22.43
N GLY A 761 5.75 23.79 -21.32
CA GLY A 761 7.06 24.39 -21.28
C GLY A 761 7.09 25.91 -21.33
N GLN A 762 5.94 26.56 -21.44
CA GLN A 762 5.96 28.01 -21.53
C GLN A 762 5.68 28.67 -20.18
N PRO A 763 6.36 29.74 -19.82
CA PRO A 763 6.08 30.41 -18.53
C PRO A 763 4.71 31.06 -18.55
N VAL A 764 3.93 30.83 -17.48
CA VAL A 764 2.59 31.38 -17.32
C VAL A 764 2.47 31.92 -15.90
N SER A 765 1.95 33.14 -15.76
CA SER A 765 1.64 33.72 -14.45
C SER A 765 0.14 33.57 -14.20
N LEU A 766 -0.21 32.79 -13.18
CA LEU A 766 -1.59 32.61 -12.76
C LEU A 766 -1.92 33.67 -11.71
N ALA A 767 -3.04 34.35 -11.90
CA ALA A 767 -3.57 35.23 -10.87
C ALA A 767 -4.57 34.48 -10.02
N ALA A 768 -4.66 34.86 -8.74
CA ALA A 768 -5.54 34.19 -7.80
C ALA A 768 -6.97 34.15 -8.33
N ASN A 769 -7.52 32.92 -8.35
CA ASN A 769 -8.91 32.64 -8.73
C ASN A 769 -9.27 33.14 -10.12
N THR A 770 -8.30 33.23 -11.02
CA THR A 770 -8.55 33.61 -12.41
C THR A 770 -8.05 32.48 -13.30
N ALA A 771 -8.99 31.67 -13.78
CA ALA A 771 -8.65 30.53 -14.64
C ALA A 771 -8.04 31.01 -15.96
N GLN A 772 -7.20 30.16 -16.56
CA GLN A 772 -6.80 30.33 -17.95
C GLN A 772 -6.86 29.00 -18.68
N THR A 773 -7.16 29.06 -19.97
CA THR A 773 -7.33 27.91 -20.83
C THR A 773 -6.25 27.92 -21.92
N PHE A 774 -5.67 26.75 -22.16
CA PHE A 774 -4.60 26.58 -23.13
C PHE A 774 -4.98 25.42 -24.04
N THR A 775 -4.83 25.62 -25.35
CA THR A 775 -5.37 24.66 -26.31
C THR A 775 -4.26 24.02 -27.13
O1 PG4 B . 32.42 4.76 -22.34
C1 PG4 B . 31.95 5.35 -21.14
C2 PG4 B . 32.20 6.83 -21.10
O2 PG4 B . 33.48 7.06 -20.54
C3 PG4 B . 33.67 8.36 -20.00
C4 PG4 B . 34.98 8.39 -19.26
O3 PG4 B . 34.78 8.38 -17.85
C5 PG4 B . 36.06 8.48 -17.23
C6 PG4 B . 35.94 8.45 -15.74
O4 PG4 B . 34.97 9.37 -15.28
C7 PG4 B . 35.48 10.11 -14.18
C8 PG4 B . 34.54 11.22 -13.85
O5 PG4 B . 35.12 12.47 -14.18
#